data_5NTN
#
_entry.id   5NTN
#
_cell.length_a   86.238
_cell.length_b   69.684
_cell.length_c   97.208
_cell.angle_alpha   90.000
_cell.angle_beta   107.940
_cell.angle_gamma   90.000
#
_symmetry.space_group_name_H-M   'P 1 21 1'
#
loop_
_entity.id
_entity.type
_entity.pdbx_description
1 polymer 'Nuclear receptor ROR-gamma'
2 polymer 'Nuclear receptor-interacting protein 1'
3 non-polymer (5R,10S,13R,14R,17R)-17-((R,E)-7-hydroxy-6-methylhept-5-en-2-yl)-4,4,10,13,14-pentamethyl-1,2,5,6,10,11,12,13,14,15,16,17-dodecahydro-3H-cyclopenta[a]phenanthrene-3,7(4H)-dione
4 water water
#
loop_
_entity_poly.entity_id
_entity_poly.type
_entity_poly.pdbx_seq_one_letter_code
_entity_poly.pdbx_strand_id
1 'polypeptide(L)'
;GPYASLTEIEHLVQSVCKSYRETCQLRLEDLLRQRSNIFSREEVTGYQRKSMWEMWERCAHHLTEAIQYVVEFAKRLSGF
MELCQNDQIVLLKAGAMEVVLVRMCRAYNADNRTVFFEGKYGGMELFRALGCSELISSIFDFSHSLSALHFSEDEIALYT
ALVLINAHRPGLQEKRKVEQLQYNLELAFHHHLSKTHRQSILAKLPPKGKLRSLCSQHVERLQIFQHLHPIVVQAAFPPL
YKELFSTETESPVGLSK
;
A,B,C,D
2 'polypeptide(L)' NSHQKVTLLQLLLGHKNEEN P,Q,R,S
#
loop_
_chem_comp.id
_chem_comp.type
_chem_comp.name
_chem_comp.formula
98H non-polymer (5R,10S,13R,14R,17R)-17-((R,E)-7-hydroxy-6-methylhept-5-en-2-yl)-4,4,10,13,14-pentamethyl-1,2,5,6,10,11,12,13,14,15,16,17-dodecahydro-3H-cyclopenta[a]phenanthrene-3,7(4H)-dione 'C30 H46 O3'
#
# COMPACT_ATOMS: atom_id res chain seq x y z
N TYR A 3 40.62 9.04 5.02
CA TYR A 3 41.62 8.05 4.53
C TYR A 3 41.98 7.05 5.61
N ALA A 4 41.06 6.14 5.92
CA ALA A 4 41.27 5.17 6.98
C ALA A 4 42.43 4.22 6.69
N SER A 5 43.32 4.06 7.66
CA SER A 5 44.48 3.17 7.54
C SER A 5 44.08 1.71 7.59
N LEU A 6 45.00 0.82 7.21
CA LEU A 6 44.76 -0.62 7.30
C LEU A 6 44.41 -1.08 8.72
N THR A 7 45.12 -0.56 9.71
CA THR A 7 44.83 -0.87 11.11
C THR A 7 43.42 -0.39 11.49
N GLU A 8 43.04 0.79 11.00
CA GLU A 8 41.70 1.33 11.26
C GLU A 8 40.61 0.49 10.61
N ILE A 9 40.87 0.04 9.38
CA ILE A 9 39.96 -0.86 8.67
C ILE A 9 39.87 -2.21 9.40
N GLU A 10 41.00 -2.74 9.82
CA GLU A 10 41.03 -3.98 10.61
C GLU A 10 40.29 -3.85 11.95
N HIS A 11 40.49 -2.72 12.63
CA HIS A 11 39.74 -2.45 13.87
C HIS A 11 38.23 -2.31 13.65
N LEU A 12 37.85 -1.82 12.46
CA LEU A 12 36.43 -1.73 12.08
C LEU A 12 35.79 -3.11 11.88
N VAL A 13 36.51 -4.00 11.19
CA VAL A 13 36.09 -5.40 11.02
C VAL A 13 35.75 -6.00 12.39
N GLN A 14 36.68 -5.89 13.33
CA GLN A 14 36.53 -6.42 14.68
C GLN A 14 35.35 -5.79 15.43
N SER A 15 35.22 -4.47 15.30
CA SER A 15 34.15 -3.74 15.98
C SER A 15 32.76 -4.15 15.47
N VAL A 16 32.61 -4.22 14.14
CA VAL A 16 31.36 -4.64 13.51
C VAL A 16 30.98 -6.07 13.92
N CYS A 17 31.94 -6.98 13.86
CA CYS A 17 31.72 -8.38 14.22
C CYS A 17 31.35 -8.58 15.70
N LYS A 18 31.99 -7.81 16.57
CA LYS A 18 31.67 -7.80 17.99
C LYS A 18 30.26 -7.28 18.24
N SER A 19 29.93 -6.15 17.58
CA SER A 19 28.60 -5.56 17.70
CA SER A 19 28.60 -5.56 17.69
C SER A 19 27.50 -6.56 17.32
N TYR A 20 27.73 -7.29 16.22
CA TYR A 20 26.78 -8.32 15.79
C TYR A 20 26.66 -9.48 16.78
N ARG A 21 27.80 -10.00 17.26
CA ARG A 21 27.82 -11.03 18.30
C ARG A 21 26.95 -10.63 19.49
N GLU A 22 27.11 -9.40 19.96
CA GLU A 22 26.39 -8.93 21.13
C GLU A 22 24.89 -8.72 20.93
N THR A 23 24.44 -8.63 19.67
CA THR A 23 23.06 -8.26 19.35
C THR A 23 22.39 -9.23 18.38
N CYS A 24 22.93 -10.43 18.23
CA CYS A 24 22.47 -11.37 17.20
C CYS A 24 21.11 -12.01 17.51
N GLN A 25 20.60 -11.74 18.72
CA GLN A 25 19.27 -12.18 19.20
C GLN A 25 19.26 -13.66 19.61
N LEU A 26 19.59 -14.54 18.67
CA LEU A 26 19.78 -15.95 18.99
C LEU A 26 21.11 -16.41 18.45
N ARG A 27 21.83 -17.17 19.26
CA ARG A 27 23.09 -17.78 18.84
C ARG A 27 22.83 -18.79 17.72
N LEU A 28 23.72 -18.83 16.73
CA LEU A 28 23.59 -19.74 15.58
C LEU A 28 23.45 -21.20 16.02
N GLU A 29 24.29 -21.63 16.95
CA GLU A 29 24.27 -23.01 17.47
C GLU A 29 22.91 -23.41 18.02
N ASP A 30 22.28 -22.50 18.77
CA ASP A 30 20.93 -22.72 19.27
C ASP A 30 19.92 -22.97 18.14
N LEU A 31 19.99 -22.16 17.09
CA LEU A 31 19.11 -22.34 15.91
C LEU A 31 19.39 -23.64 15.18
N LEU A 32 20.67 -23.99 15.06
CA LEU A 32 21.05 -25.23 14.39
C LEU A 32 20.62 -26.46 15.17
N ARG A 33 20.74 -26.39 16.50
CA ARG A 33 20.35 -27.48 17.39
C ARG A 33 18.86 -27.81 17.32
N GLN A 34 18.06 -26.78 17.04
CA GLN A 34 16.61 -26.89 17.00
C GLN A 34 16.06 -27.45 15.69
N ARG A 35 16.95 -27.72 14.72
CA ARG A 35 16.55 -28.14 13.36
C ARG A 35 15.59 -29.33 13.29
N SER A 36 15.73 -30.27 14.24
CA SER A 36 14.87 -31.45 14.27
C SER A 36 13.54 -31.20 15.00
N ASN A 37 13.42 -30.06 15.67
CA ASN A 37 12.18 -29.66 16.34
C ASN A 37 11.28 -28.94 15.35
N ILE A 38 10.38 -29.70 14.72
CA ILE A 38 9.53 -29.20 13.63
C ILE A 38 8.05 -29.28 14.04
N PHE A 39 7.27 -28.26 13.67
CA PHE A 39 5.83 -28.28 13.97
C PHE A 39 5.16 -29.49 13.32
N SER A 40 4.30 -30.17 14.09
CA SER A 40 3.51 -31.29 13.59
C SER A 40 2.40 -30.80 12.68
N ARG A 41 1.76 -31.72 11.96
CA ARG A 41 0.65 -31.38 11.08
C ARG A 41 -0.52 -30.74 11.85
N GLU A 42 -0.74 -31.19 13.08
CA GLU A 42 -1.80 -30.67 13.93
C GLU A 42 -1.50 -29.23 14.40
N GLU A 43 -0.24 -28.98 14.73
CA GLU A 43 0.19 -27.63 15.13
C GLU A 43 0.13 -26.65 13.96
N VAL A 44 0.54 -27.09 12.77
CA VAL A 44 0.44 -26.28 11.56
C VAL A 44 -1.01 -25.86 11.30
N THR A 45 -1.91 -26.84 11.36
CA THR A 45 -3.35 -26.59 11.20
C THR A 45 -3.85 -25.60 12.23
N GLY A 46 -3.38 -25.73 13.46
CA GLY A 46 -3.72 -24.80 14.55
C GLY A 46 -3.36 -23.37 14.22
N TYR A 47 -2.16 -23.17 13.68
CA TYR A 47 -1.72 -21.84 13.25
C TYR A 47 -2.58 -21.32 12.09
N GLN A 48 -2.88 -22.22 11.16
CA GLN A 48 -3.66 -21.87 9.97
C GLN A 48 -5.10 -21.47 10.32
N ARG A 49 -5.59 -21.98 11.45
CA ARG A 49 -6.97 -21.71 11.89
C ARG A 49 -7.10 -20.55 12.88
N LYS A 50 -5.97 -19.91 13.19
CA LYS A 50 -6.01 -18.66 13.95
C LYS A 50 -6.67 -17.56 13.13
N SER A 51 -7.30 -16.62 13.82
CA SER A 51 -7.83 -15.43 13.16
C SER A 51 -6.70 -14.63 12.53
N MET A 52 -7.03 -13.91 11.47
CA MET A 52 -6.08 -13.05 10.79
C MET A 52 -5.49 -12.03 11.74
N TRP A 53 -6.35 -11.43 12.58
CA TRP A 53 -5.89 -10.40 13.52
C TRP A 53 -4.87 -10.92 14.55
N GLU A 54 -5.13 -12.11 15.10
CA GLU A 54 -4.24 -12.69 16.11
C GLU A 54 -2.90 -13.10 15.50
N MET A 55 -2.95 -13.63 14.28
CA MET A 55 -1.72 -14.02 13.60
C MET A 55 -0.87 -12.80 13.23
N TRP A 56 -1.52 -11.75 12.71
CA TRP A 56 -0.83 -10.48 12.46
C TRP A 56 -0.23 -9.90 13.73
N GLU A 57 -1.01 -9.92 14.81
CA GLU A 57 -0.56 -9.39 16.10
C GLU A 57 0.68 -10.12 16.63
N ARG A 58 0.67 -11.45 16.59
CA ARG A 58 1.82 -12.25 17.01
C ARG A 58 3.05 -11.92 16.17
N CYS A 59 2.87 -11.93 14.85
CA CYS A 59 3.97 -11.63 13.94
C CYS A 59 4.51 -10.21 14.11
N ALA A 60 3.63 -9.24 14.35
CA ALA A 60 4.05 -7.85 14.58
C ALA A 60 4.90 -7.74 15.86
N HIS A 61 4.49 -8.42 16.92
CA HIS A 61 5.28 -8.47 18.16
C HIS A 61 6.68 -9.07 17.93
N HIS A 62 6.72 -10.24 17.30
CA HIS A 62 8.00 -10.91 17.01
C HIS A 62 8.90 -10.06 16.12
N LEU A 63 8.30 -9.38 15.15
CA LEU A 63 9.08 -8.54 14.24
C LEU A 63 9.63 -7.32 14.99
N THR A 64 8.81 -6.75 15.87
CA THR A 64 9.24 -5.63 16.70
C THR A 64 10.42 -6.03 17.58
N GLU A 65 10.31 -7.17 18.25
CA GLU A 65 11.40 -7.74 19.03
C GLU A 65 12.69 -7.85 18.21
N ALA A 66 12.59 -8.41 17.01
CA ALA A 66 13.76 -8.59 16.17
C ALA A 66 14.38 -7.24 15.78
N ILE A 67 13.53 -6.24 15.55
CA ILE A 67 13.97 -4.90 15.15
C ILE A 67 14.70 -4.20 16.32
N GLN A 68 14.22 -4.43 17.53
CA GLN A 68 14.85 -3.89 18.73
C GLN A 68 16.32 -4.31 18.85
N TYR A 69 16.61 -5.56 18.48
CA TYR A 69 18.00 -6.02 18.42
C TYR A 69 18.79 -5.31 17.31
N VAL A 70 18.15 -5.09 16.16
CA VAL A 70 18.78 -4.35 15.06
C VAL A 70 19.09 -2.91 15.48
N VAL A 71 18.20 -2.29 16.28
CA VAL A 71 18.44 -0.93 16.80
C VAL A 71 19.68 -0.92 17.69
N GLU A 72 19.80 -1.95 18.53
CA GLU A 72 20.96 -2.12 19.42
C GLU A 72 22.26 -2.37 18.65
N PHE A 73 22.17 -3.15 17.57
CA PHE A 73 23.30 -3.35 16.65
C PHE A 73 23.83 -2.01 16.12
N ALA A 74 22.91 -1.18 15.60
CA ALA A 74 23.25 0.15 15.08
C ALA A 74 23.87 1.05 16.16
N LYS A 75 23.25 1.06 17.34
CA LYS A 75 23.77 1.81 18.48
C LYS A 75 25.22 1.47 18.77
N ARG A 76 25.60 0.21 18.59
CA ARG A 76 26.95 -0.25 18.91
C ARG A 76 27.88 -0.20 17.70
N LEU A 77 27.32 0.14 16.54
CA LEU A 77 28.07 0.09 15.30
C LEU A 77 28.99 1.30 15.21
N SER A 78 30.26 1.00 14.96
CA SER A 78 31.32 2.00 14.89
C SER A 78 31.02 2.97 13.76
N GLY A 79 30.81 4.24 14.13
CA GLY A 79 30.54 5.28 13.14
C GLY A 79 29.08 5.70 13.05
N PHE A 80 28.16 4.81 13.42
CA PHE A 80 26.73 5.10 13.30
C PHE A 80 26.30 6.25 14.21
N MET A 81 26.76 6.22 15.45
CA MET A 81 26.42 7.26 16.42
C MET A 81 27.11 8.60 16.11
N GLU A 82 28.11 8.55 15.23
CA GLU A 82 28.80 9.74 14.72
C GLU A 82 27.96 10.56 13.74
N LEU A 83 27.00 9.90 13.09
CA LEU A 83 26.11 10.57 12.13
C LEU A 83 25.13 11.47 12.88
N CYS A 84 24.60 12.50 12.22
CA CYS A 84 23.63 13.36 12.87
C CYS A 84 22.35 12.58 13.22
N GLN A 85 21.59 13.07 14.21
CA GLN A 85 20.37 12.39 14.69
C GLN A 85 19.34 12.12 13.59
N ASN A 86 19.12 13.10 12.71
CA ASN A 86 18.23 12.88 11.56
C ASN A 86 18.64 11.69 10.71
N ASP A 87 19.94 11.60 10.42
CA ASP A 87 20.44 10.56 9.52
C ASP A 87 20.41 9.18 10.15
N GLN A 88 20.64 9.11 11.46
CA GLN A 88 20.48 7.85 12.21
C GLN A 88 19.06 7.28 12.02
N ILE A 89 18.07 8.16 12.15
CA ILE A 89 16.65 7.83 12.02
C ILE A 89 16.30 7.39 10.60
N VAL A 90 16.76 8.17 9.61
CA VAL A 90 16.52 7.85 8.21
C VAL A 90 17.04 6.46 7.87
N LEU A 91 18.26 6.18 8.30
CA LEU A 91 18.90 4.90 7.99
C LEU A 91 18.21 3.72 8.67
N LEU A 92 17.90 3.85 9.97
CA LEU A 92 17.23 2.78 10.69
C LEU A 92 15.80 2.52 10.23
N LYS A 93 15.04 3.59 9.98
CA LYS A 93 13.67 3.44 9.51
C LYS A 93 13.60 2.67 8.18
N ALA A 94 14.56 2.92 7.29
CA ALA A 94 14.61 2.20 6.01
C ALA A 94 15.30 0.83 6.09
N GLY A 95 16.32 0.73 6.93
CA GLY A 95 17.17 -0.47 6.96
C GLY A 95 16.81 -1.53 7.98
N ALA A 96 16.10 -1.15 9.04
CA ALA A 96 15.74 -2.11 10.10
C ALA A 96 15.15 -3.41 9.56
N MET A 97 14.12 -3.28 8.72
CA MET A 97 13.44 -4.43 8.15
C MET A 97 14.33 -5.21 7.17
N GLU A 98 15.13 -4.49 6.39
CA GLU A 98 16.06 -5.12 5.46
C GLU A 98 17.04 -6.00 6.23
N VAL A 99 17.54 -5.49 7.36
CA VAL A 99 18.46 -6.24 8.22
C VAL A 99 17.81 -7.51 8.79
N VAL A 100 16.59 -7.38 9.31
CA VAL A 100 15.86 -8.55 9.82
C VAL A 100 15.71 -9.62 8.73
N LEU A 101 15.33 -9.20 7.53
CA LEU A 101 15.19 -10.13 6.39
C LEU A 101 16.49 -10.88 6.08
N VAL A 102 17.63 -10.21 6.23
CA VAL A 102 18.93 -10.90 6.08
C VAL A 102 19.21 -11.84 7.25
N ARG A 103 19.03 -11.35 8.47
CA ARG A 103 19.21 -12.14 9.69
C ARG A 103 18.40 -13.45 9.66
N MET A 104 17.23 -13.41 9.04
CA MET A 104 16.32 -14.57 8.97
C MET A 104 16.96 -15.83 8.38
N CYS A 105 17.89 -15.67 7.44
CA CYS A 105 18.54 -16.82 6.81
C CYS A 105 19.23 -17.76 7.81
N ARG A 106 19.70 -17.22 8.94
CA ARG A 106 20.28 -18.04 10.01
C ARG A 106 19.27 -19.00 10.64
N ALA A 107 18.00 -18.58 10.65
CA ALA A 107 16.91 -19.36 11.25
C ALA A 107 16.12 -20.13 10.19
N TYR A 108 16.67 -20.15 8.99
CA TYR A 108 16.06 -20.82 7.86
C TYR A 108 16.80 -22.11 7.54
N ASN A 109 16.07 -23.21 7.44
CA ASN A 109 16.63 -24.50 7.06
C ASN A 109 16.26 -24.81 5.60
N ALA A 110 17.24 -24.72 4.70
CA ALA A 110 17.02 -24.95 3.27
C ALA A 110 16.64 -26.40 2.92
N ASP A 111 17.04 -27.35 3.76
CA ASP A 111 16.78 -28.77 3.47
C ASP A 111 15.29 -29.14 3.47
N ASN A 112 14.52 -28.52 4.36
CA ASN A 112 13.06 -28.72 4.39
C ASN A 112 12.26 -27.42 4.23
N ARG A 113 12.97 -26.32 3.97
CA ARG A 113 12.35 -25.00 3.70
C ARG A 113 11.45 -24.56 4.85
N THR A 114 12.02 -24.57 6.06
CA THR A 114 11.31 -24.15 7.26
C THR A 114 12.03 -22.97 7.91
N VAL A 115 11.32 -22.25 8.77
CA VAL A 115 11.92 -21.15 9.54
C VAL A 115 11.61 -21.38 11.02
N PHE A 116 12.53 -20.97 11.89
CA PHE A 116 12.32 -21.03 13.34
C PHE A 116 11.36 -19.92 13.77
N PHE A 117 10.26 -20.35 14.39
CA PHE A 117 9.14 -19.47 14.74
C PHE A 117 8.44 -20.02 15.97
N GLU A 118 8.40 -19.22 17.03
CA GLU A 118 7.73 -19.60 18.29
C GLU A 118 8.14 -21.00 18.79
N GLY A 119 9.45 -21.27 18.78
CA GLY A 119 9.97 -22.48 19.43
C GLY A 119 10.21 -23.70 18.55
N LYS A 120 9.65 -23.71 17.34
CA LYS A 120 9.86 -24.83 16.41
C LYS A 120 10.03 -24.35 14.97
N TYR A 121 10.51 -25.25 14.11
CA TYR A 121 10.61 -24.97 12.68
C TYR A 121 9.30 -25.26 11.93
N GLY A 122 8.91 -24.35 11.05
CA GLY A 122 7.72 -24.56 10.23
C GLY A 122 7.84 -23.99 8.83
N GLY A 123 7.08 -24.57 7.90
CA GLY A 123 7.06 -24.12 6.52
C GLY A 123 6.27 -22.83 6.37
N MET A 124 6.29 -22.29 5.15
CA MET A 124 5.58 -21.04 4.87
C MET A 124 4.05 -21.18 5.01
N GLU A 125 3.56 -22.42 4.94
CA GLU A 125 2.16 -22.77 5.21
C GLU A 125 1.68 -22.35 6.61
N LEU A 126 2.62 -22.26 7.56
CA LEU A 126 2.34 -21.79 8.92
C LEU A 126 1.64 -20.42 8.93
N PHE A 127 1.95 -19.62 7.93
CA PHE A 127 1.61 -18.20 7.94
C PHE A 127 0.36 -17.87 7.12
N ARG A 128 -0.37 -18.91 6.73
CA ARG A 128 -1.55 -18.77 5.86
C ARG A 128 -2.61 -17.81 6.41
N ALA A 129 -2.82 -17.82 7.73
CA ALA A 129 -3.84 -16.95 8.35
C ALA A 129 -3.59 -15.45 8.15
N LEU A 130 -2.34 -15.06 7.92
CA LEU A 130 -2.00 -13.67 7.57
C LEU A 130 -2.71 -13.17 6.31
N GLY A 131 -2.92 -14.07 5.34
CA GLY A 131 -3.51 -13.71 4.06
C GLY A 131 -2.60 -12.87 3.20
N CYS A 132 -1.31 -13.19 3.21
CA CYS A 132 -0.33 -12.53 2.36
C CYS A 132 0.71 -13.56 1.87
N SER A 133 0.18 -14.61 1.23
CA SER A 133 1.00 -15.75 0.81
CA SER A 133 0.98 -15.75 0.78
C SER A 133 2.10 -15.36 -0.18
N GLU A 134 1.82 -14.40 -1.07
CA GLU A 134 2.84 -13.98 -2.04
C GLU A 134 4.03 -13.35 -1.34
N LEU A 135 3.76 -12.50 -0.35
CA LEU A 135 4.83 -11.88 0.41
C LEU A 135 5.65 -12.93 1.16
N ILE A 136 4.95 -13.87 1.81
CA ILE A 136 5.61 -14.92 2.60
C ILE A 136 6.48 -15.80 1.70
N SER A 137 5.95 -16.18 0.54
CA SER A 137 6.70 -16.97 -0.43
CA SER A 137 6.70 -16.97 -0.43
C SER A 137 7.94 -16.21 -0.93
N SER A 138 7.80 -14.91 -1.14
CA SER A 138 8.91 -14.06 -1.59
C SER A 138 10.00 -13.96 -0.51
N ILE A 139 9.58 -13.89 0.74
CA ILE A 139 10.51 -13.85 1.88
C ILE A 139 11.23 -15.20 2.06
N PHE A 140 10.49 -16.31 1.90
CA PHE A 140 11.10 -17.64 1.94
C PHE A 140 12.05 -17.89 0.76
N ASP A 141 11.68 -17.41 -0.43
CA ASP A 141 12.56 -17.45 -1.61
C ASP A 141 13.85 -16.67 -1.32
N PHE A 142 13.72 -15.51 -0.70
CA PHE A 142 14.86 -14.68 -0.34
C PHE A 142 15.81 -15.40 0.64
N SER A 143 15.27 -15.97 1.71
CA SER A 143 16.09 -16.72 2.66
C SER A 143 16.75 -17.94 2.01
N HIS A 144 16.01 -18.61 1.13
CA HIS A 144 16.54 -19.77 0.39
C HIS A 144 17.72 -19.36 -0.49
N SER A 145 17.63 -18.18 -1.09
CA SER A 145 18.70 -17.66 -1.93
C SER A 145 19.95 -17.37 -1.09
N LEU A 146 19.75 -16.73 0.06
CA LEU A 146 20.85 -16.45 0.99
C LEU A 146 21.50 -17.72 1.57
N SER A 147 20.71 -18.77 1.80
CA SER A 147 21.25 -20.01 2.37
C SER A 147 22.31 -20.62 1.45
N ALA A 148 22.15 -20.37 0.14
CA ALA A 148 23.07 -20.85 -0.88
C ALA A 148 24.44 -20.16 -0.81
N LEU A 149 24.53 -19.04 -0.11
CA LEU A 149 25.78 -18.29 -0.01
C LEU A 149 26.67 -18.79 1.13
N HIS A 150 26.07 -19.57 2.04
CA HIS A 150 26.73 -20.11 3.23
C HIS A 150 27.51 -19.06 4.04
N PHE A 151 26.83 -17.96 4.39
CA PHE A 151 27.39 -16.87 5.19
C PHE A 151 27.96 -17.40 6.50
N SER A 152 29.13 -16.90 6.88
CA SER A 152 29.60 -17.06 8.25
C SER A 152 28.96 -15.96 9.09
N GLU A 153 29.09 -16.08 10.41
CA GLU A 153 28.60 -15.03 11.32
C GLU A 153 29.23 -13.67 11.05
N ASP A 154 30.55 -13.68 10.86
CA ASP A 154 31.30 -12.45 10.56
C ASP A 154 30.84 -11.80 9.25
N GLU A 155 30.57 -12.62 8.25
CA GLU A 155 30.06 -12.12 6.97
C GLU A 155 28.69 -11.50 7.11
N ILE A 156 27.83 -12.10 7.93
CA ILE A 156 26.50 -11.54 8.21
C ILE A 156 26.62 -10.19 8.91
N ALA A 157 27.53 -10.11 9.89
CA ALA A 157 27.81 -8.87 10.61
C ALA A 157 28.22 -7.76 9.64
N LEU A 158 29.24 -8.03 8.83
CA LEU A 158 29.77 -7.04 7.87
C LEU A 158 28.75 -6.66 6.79
N TYR A 159 28.00 -7.63 6.30
CA TYR A 159 26.99 -7.37 5.29
C TYR A 159 25.78 -6.60 5.83
N THR A 160 25.30 -6.94 7.02
CA THR A 160 24.17 -6.20 7.59
C THR A 160 24.54 -4.77 7.98
N ALA A 161 25.81 -4.54 8.34
CA ALA A 161 26.28 -3.17 8.57
C ALA A 161 26.11 -2.33 7.30
N LEU A 162 26.46 -2.93 6.16
CA LEU A 162 26.33 -2.24 4.87
C LEU A 162 24.89 -2.09 4.41
N VAL A 163 24.04 -3.05 4.76
CA VAL A 163 22.59 -2.94 4.49
C VAL A 163 22.04 -1.70 5.19
N LEU A 164 22.47 -1.49 6.43
CA LEU A 164 22.07 -0.34 7.24
C LEU A 164 22.72 0.98 6.77
N ILE A 165 24.02 0.98 6.58
CA ILE A 165 24.72 2.21 6.16
C ILE A 165 24.68 2.31 4.64
N ASN A 166 23.58 2.84 4.14
CA ASN A 166 23.30 2.94 2.71
C ASN A 166 23.04 4.42 2.42
N ALA A 167 24.00 5.06 1.78
CA ALA A 167 23.95 6.51 1.56
C ALA A 167 22.96 6.95 0.46
N HIS A 168 22.30 5.98 -0.17
CA HIS A 168 21.29 6.27 -1.20
C HIS A 168 19.89 6.57 -0.64
N ARG A 169 19.67 6.37 0.66
CA ARG A 169 18.37 6.70 1.27
C ARG A 169 18.09 8.21 1.12
N PRO A 170 16.88 8.57 0.68
CA PRO A 170 16.50 9.98 0.60
C PRO A 170 16.29 10.57 1.99
N GLY A 171 16.53 11.88 2.12
CA GLY A 171 16.23 12.60 3.36
C GLY A 171 17.41 12.79 4.28
N LEU A 172 18.60 12.39 3.82
CA LEU A 172 19.82 12.54 4.59
C LEU A 172 20.31 13.99 4.63
N GLN A 173 20.63 14.47 5.84
CA GLN A 173 21.11 15.84 6.02
C GLN A 173 22.60 15.97 5.75
N GLU A 174 23.34 14.88 5.96
CA GLU A 174 24.79 14.89 5.76
C GLU A 174 25.23 13.69 4.90
N LYS A 175 24.78 13.71 3.66
CA LYS A 175 24.97 12.59 2.74
C LYS A 175 26.44 12.16 2.60
N ARG A 176 27.35 13.13 2.48
CA ARG A 176 28.79 12.85 2.33
C ARG A 176 29.40 12.13 3.54
N LYS A 177 28.88 12.43 4.73
CA LYS A 177 29.31 11.75 5.96
C LYS A 177 28.90 10.27 5.93
N VAL A 178 27.66 10.01 5.49
CA VAL A 178 27.16 8.64 5.34
C VAL A 178 27.94 7.90 4.24
N GLU A 179 28.20 8.58 3.13
CA GLU A 179 29.02 8.04 2.05
C GLU A 179 30.41 7.61 2.53
N GLN A 180 31.05 8.44 3.36
CA GLN A 180 32.36 8.10 3.93
C GLN A 180 32.31 6.85 4.82
N LEU A 181 31.30 6.77 5.70
CA LEU A 181 31.16 5.59 6.55
C LEU A 181 30.88 4.33 5.74
N GLN A 182 30.01 4.47 4.73
CA GLN A 182 29.67 3.35 3.85
C GLN A 182 30.92 2.81 3.17
N TYR A 183 31.77 3.71 2.68
CA TYR A 183 32.97 3.29 1.97
C TYR A 183 33.93 2.53 2.88
N ASN A 184 34.12 3.04 4.10
CA ASN A 184 34.95 2.37 5.09
C ASN A 184 34.44 0.98 5.47
N LEU A 185 33.12 0.86 5.63
CA LEU A 185 32.50 -0.43 5.86
C LEU A 185 32.66 -1.37 4.65
N GLU A 186 32.59 -0.82 3.43
CA GLU A 186 32.88 -1.60 2.22
C GLU A 186 34.33 -2.12 2.24
N LEU A 187 35.27 -1.24 2.57
CA LEU A 187 36.68 -1.63 2.76
C LEU A 187 36.83 -2.73 3.80
N ALA A 188 36.10 -2.62 4.91
CA ALA A 188 36.11 -3.62 5.98
C ALA A 188 35.59 -4.98 5.50
N PHE A 189 34.46 -4.95 4.80
CA PHE A 189 33.86 -6.16 4.22
C PHE A 189 34.82 -6.83 3.23
N HIS A 190 35.31 -6.05 2.27
CA HIS A 190 36.17 -6.58 1.20
C HIS A 190 37.51 -7.11 1.71
N HIS A 191 38.07 -6.42 2.70
CA HIS A 191 39.29 -6.85 3.37
C HIS A 191 39.09 -8.20 4.07
N HIS A 192 38.03 -8.32 4.86
CA HIS A 192 37.75 -9.58 5.53
C HIS A 192 37.55 -10.72 4.54
N LEU A 193 36.86 -10.43 3.45
CA LEU A 193 36.60 -11.41 2.40
C LEU A 193 37.87 -11.83 1.67
N SER A 194 38.75 -10.87 1.37
CA SER A 194 40.01 -11.19 0.70
C SER A 194 40.90 -12.04 1.60
N LYS A 195 40.96 -11.67 2.88
CA LYS A 195 41.73 -12.42 3.88
C LYS A 195 41.26 -13.87 4.07
N THR A 196 39.97 -14.11 3.83
CA THR A 196 39.37 -15.43 4.03
C THR A 196 39.03 -16.17 2.72
N HIS A 197 39.47 -15.60 1.59
CA HIS A 197 39.24 -16.17 0.25
C HIS A 197 37.75 -16.31 -0.10
N ARG A 198 36.98 -15.27 0.21
CA ARG A 198 35.53 -15.31 0.07
C ARG A 198 34.99 -14.17 -0.80
N GLN A 199 35.85 -13.52 -1.58
CA GLN A 199 35.42 -12.40 -2.42
C GLN A 199 34.45 -12.84 -3.51
N SER A 200 34.42 -14.15 -3.79
CA SER A 200 33.48 -14.77 -4.73
C SER A 200 32.00 -14.52 -4.41
N ILE A 201 31.68 -14.23 -3.16
CA ILE A 201 30.27 -14.02 -2.76
C ILE A 201 29.70 -12.67 -3.22
N LEU A 202 30.59 -11.72 -3.51
CA LEU A 202 30.17 -10.37 -3.88
C LEU A 202 29.26 -10.30 -5.09
N ALA A 203 29.56 -11.11 -6.12
CA ALA A 203 28.76 -11.15 -7.34
C ALA A 203 27.43 -11.89 -7.16
N LYS A 204 27.32 -12.62 -6.05
CA LYS A 204 26.16 -13.46 -5.78
C LYS A 204 25.20 -12.83 -4.77
N LEU A 205 25.61 -11.72 -4.17
CA LEU A 205 24.78 -10.99 -3.22
C LEU A 205 23.50 -10.48 -3.88
N PRO A 206 22.41 -10.31 -3.11
CA PRO A 206 21.13 -9.92 -3.71
C PRO A 206 21.23 -8.60 -4.47
N PRO A 207 20.55 -8.50 -5.62
CA PRO A 207 20.44 -7.19 -6.30
C PRO A 207 19.84 -6.16 -5.34
N LYS A 208 20.44 -4.97 -5.25
CA LYS A 208 20.06 -4.00 -4.20
C LYS A 208 18.57 -3.61 -4.17
N GLY A 209 17.92 -3.67 -5.33
CA GLY A 209 16.49 -3.42 -5.41
C GLY A 209 15.65 -4.49 -4.75
N LYS A 210 16.24 -5.66 -4.50
CA LYS A 210 15.54 -6.79 -3.91
C LYS A 210 15.01 -6.51 -2.50
N LEU A 211 15.91 -6.09 -1.61
CA LEU A 211 15.53 -5.81 -0.22
C LEU A 211 14.52 -4.68 -0.11
N ARG A 212 14.68 -3.64 -0.94
CA ARG A 212 13.72 -2.52 -1.01
C ARG A 212 12.33 -2.99 -1.41
N SER A 213 12.28 -3.82 -2.46
CA SER A 213 11.05 -4.43 -2.96
C SER A 213 10.32 -5.27 -1.91
N LEU A 214 11.06 -6.10 -1.17
CA LEU A 214 10.46 -6.90 -0.10
C LEU A 214 9.85 -6.00 1.00
N CYS A 215 10.56 -4.93 1.35
CA CYS A 215 10.08 -3.98 2.35
C CYS A 215 8.84 -3.20 1.91
N SER A 216 8.81 -2.74 0.66
CA SER A 216 7.61 -2.08 0.10
C SER A 216 6.41 -3.03 0.07
N GLN A 217 6.66 -4.29 -0.29
CA GLN A 217 5.61 -5.31 -0.32
C GLN A 217 5.01 -5.56 1.09
N HIS A 218 5.87 -5.51 2.10
CA HIS A 218 5.47 -5.70 3.50
C HIS A 218 4.61 -4.51 3.97
N VAL A 219 5.01 -3.29 3.63
CA VAL A 219 4.23 -2.10 3.92
C VAL A 219 2.85 -2.18 3.23
N GLU A 220 2.84 -2.61 1.97
CA GLU A 220 1.59 -2.78 1.22
C GLU A 220 0.65 -3.84 1.80
N ARG A 221 1.21 -4.96 2.25
CA ARG A 221 0.39 -5.96 2.92
C ARG A 221 -0.17 -5.48 4.28
N LEU A 222 0.63 -4.73 5.03
CA LEU A 222 0.11 -4.08 6.24
C LEU A 222 -1.01 -3.10 5.93
N GLN A 223 -0.91 -2.35 4.82
CA GLN A 223 -1.99 -1.43 4.42
C GLN A 223 -3.31 -2.20 4.23
N ILE A 224 -3.24 -3.34 3.55
CA ILE A 224 -4.43 -4.17 3.34
C ILE A 224 -5.02 -4.65 4.68
N PHE A 225 -4.17 -5.14 5.58
CA PHE A 225 -4.61 -5.59 6.90
C PHE A 225 -5.17 -4.45 7.76
N GLN A 226 -4.42 -3.35 7.84
CA GLN A 226 -4.80 -2.22 8.69
C GLN A 226 -6.12 -1.58 8.26
N HIS A 227 -6.37 -1.49 6.96
CA HIS A 227 -7.65 -0.97 6.46
C HIS A 227 -8.82 -1.87 6.83
N LEU A 228 -8.57 -3.18 6.94
CA LEU A 228 -9.60 -4.14 7.35
C LEU A 228 -9.77 -4.25 8.87
N HIS A 229 -8.68 -4.11 9.62
CA HIS A 229 -8.70 -4.16 11.08
C HIS A 229 -7.97 -2.98 11.74
N PRO A 230 -8.47 -1.74 11.53
CA PRO A 230 -7.75 -0.55 12.05
C PRO A 230 -7.68 -0.48 13.57
N ILE A 231 -8.71 -0.97 14.26
CA ILE A 231 -8.76 -0.85 15.72
C ILE A 231 -7.77 -1.79 16.39
N VAL A 232 -7.67 -3.02 15.88
CA VAL A 232 -6.70 -4.00 16.35
C VAL A 232 -5.27 -3.45 16.30
N VAL A 233 -4.92 -2.79 15.20
CA VAL A 233 -3.58 -2.21 15.04
C VAL A 233 -3.36 -1.04 16.02
N GLN A 234 -4.35 -0.16 16.13
CA GLN A 234 -4.28 0.97 17.05
C GLN A 234 -4.14 0.51 18.50
N ALA A 235 -4.93 -0.48 18.90
CA ALA A 235 -4.99 -0.92 20.29
C ALA A 235 -3.88 -1.90 20.72
N ALA A 236 -3.48 -2.78 19.81
CA ALA A 236 -2.68 -3.94 20.22
C ALA A 236 -1.26 -4.01 19.65
N PHE A 237 -1.02 -3.32 18.55
CA PHE A 237 0.28 -3.43 17.88
C PHE A 237 1.34 -2.53 18.53
N PRO A 238 2.61 -2.97 18.55
CA PRO A 238 3.66 -2.17 19.19
C PRO A 238 3.80 -0.79 18.52
N PRO A 239 3.97 0.26 19.33
CA PRO A 239 4.10 1.61 18.81
C PRO A 239 5.27 1.79 17.82
N LEU A 240 6.39 1.10 18.07
CA LEU A 240 7.52 1.12 17.12
C LEU A 240 7.16 0.54 15.76
N TYR A 241 6.40 -0.55 15.77
CA TYR A 241 5.91 -1.20 14.55
C TYR A 241 5.10 -0.22 13.70
N LYS A 242 4.15 0.46 14.32
CA LYS A 242 3.34 1.46 13.63
C LYS A 242 4.21 2.58 13.04
N GLU A 243 5.14 3.10 13.83
CA GLU A 243 6.05 4.16 13.39
C GLU A 243 6.86 3.74 12.16
N LEU A 244 7.36 2.52 12.17
CA LEU A 244 8.20 2.05 11.08
C LEU A 244 7.43 1.71 9.81
N PHE A 245 6.21 1.16 9.97
CA PHE A 245 5.54 0.49 8.84
C PHE A 245 4.18 1.02 8.38
N SER A 246 3.43 1.66 9.28
CA SER A 246 2.10 2.16 8.95
C SER A 246 2.15 3.48 8.16
N THR A 247 1.20 3.64 7.25
CA THR A 247 1.07 4.87 6.47
C THR A 247 -0.15 5.66 6.91
N TYR B 3 -38.23 -8.19 36.37
CA TYR B 3 -38.43 -9.52 37.01
C TYR B 3 -38.30 -10.63 35.97
N ALA B 4 -37.06 -11.10 35.78
CA ALA B 4 -36.78 -12.14 34.81
C ALA B 4 -37.51 -13.43 35.18
N SER B 5 -38.17 -14.02 34.18
CA SER B 5 -38.86 -15.29 34.36
C SER B 5 -37.85 -16.42 34.44
N LEU B 6 -38.29 -17.59 34.87
CA LEU B 6 -37.44 -18.78 34.90
C LEU B 6 -36.93 -19.15 33.51
N THR B 7 -37.79 -19.02 32.50
CA THR B 7 -37.39 -19.26 31.11
C THR B 7 -36.28 -18.29 30.69
N GLU B 8 -36.45 -17.01 31.03
CA GLU B 8 -35.45 -15.98 30.74
C GLU B 8 -34.10 -16.24 31.44
N ILE B 9 -34.16 -16.70 32.69
CA ILE B 9 -32.94 -17.05 33.44
C ILE B 9 -32.21 -18.26 32.81
N GLU B 10 -32.98 -19.29 32.47
CA GLU B 10 -32.46 -20.44 31.73
C GLU B 10 -31.82 -20.03 30.40
N HIS B 11 -32.46 -19.09 29.70
CA HIS B 11 -31.93 -18.58 28.44
C HIS B 11 -30.63 -17.80 28.65
N LEU B 12 -30.57 -17.05 29.74
CA LEU B 12 -29.36 -16.30 30.12
C LEU B 12 -28.19 -17.23 30.42
N VAL B 13 -28.44 -18.33 31.13
CA VAL B 13 -27.41 -19.36 31.37
C VAL B 13 -26.80 -19.83 30.05
N GLN B 14 -27.67 -20.24 29.12
CA GLN B 14 -27.24 -20.71 27.79
C GLN B 14 -26.47 -19.62 27.04
N SER B 15 -26.94 -18.39 27.13
CA SER B 15 -26.31 -17.24 26.48
C SER B 15 -24.88 -16.97 27.00
N VAL B 16 -24.74 -16.92 28.32
CA VAL B 16 -23.44 -16.68 28.96
C VAL B 16 -22.43 -17.79 28.63
N CYS B 17 -22.90 -19.05 28.67
CA CYS B 17 -22.06 -20.19 28.36
C CYS B 17 -21.58 -20.18 26.91
N LYS B 18 -22.48 -19.78 26.00
CA LYS B 18 -22.16 -19.66 24.58
C LYS B 18 -21.12 -18.55 24.32
N SER B 19 -21.36 -17.39 24.93
CA SER B 19 -20.41 -16.27 24.89
C SER B 19 -19.01 -16.67 25.35
N TYR B 20 -18.93 -17.44 26.43
CA TYR B 20 -17.65 -17.92 26.91
C TYR B 20 -16.99 -18.90 25.93
N ARG B 21 -17.75 -19.89 25.46
CA ARG B 21 -17.25 -20.84 24.46
C ARG B 21 -16.64 -20.14 23.24
N GLU B 22 -17.28 -19.06 22.79
CA GLU B 22 -16.85 -18.33 21.60
C GLU B 22 -15.60 -17.48 21.82
N THR B 23 -15.22 -17.26 23.08
CA THR B 23 -14.17 -16.31 23.42
C THR B 23 -13.17 -16.87 24.43
N CYS B 24 -13.16 -18.19 24.60
CA CYS B 24 -12.34 -18.84 25.64
C CYS B 24 -10.84 -18.86 25.32
N GLN B 25 -10.48 -18.39 24.13
CA GLN B 25 -9.09 -18.28 23.66
C GLN B 25 -8.45 -19.63 23.32
N LEU B 26 -8.40 -20.54 24.30
CA LEU B 26 -7.97 -21.92 24.04
C LEU B 26 -8.98 -22.93 24.59
N ARG B 27 -9.25 -23.97 23.81
CA ARG B 27 -10.16 -25.04 24.22
C ARG B 27 -9.57 -25.80 25.40
N LEU B 28 -10.43 -26.25 26.31
CA LEU B 28 -9.99 -26.97 27.50
C LEU B 28 -9.27 -28.27 27.14
N GLU B 29 -9.82 -29.01 26.18
CA GLU B 29 -9.24 -30.28 25.76
C GLU B 29 -7.80 -30.12 25.27
N ASP B 30 -7.53 -29.05 24.55
CA ASP B 30 -6.18 -28.71 24.11
C ASP B 30 -5.23 -28.42 25.27
N LEU B 31 -5.70 -27.67 26.27
CA LEU B 31 -4.88 -27.37 27.45
C LEU B 31 -4.59 -28.63 28.27
N LEU B 32 -5.58 -29.52 28.36
CA LEU B 32 -5.41 -30.79 29.08
C LEU B 32 -4.47 -31.74 28.36
N ARG B 33 -4.60 -31.85 27.03
CA ARG B 33 -3.72 -32.71 26.23
C ARG B 33 -2.25 -32.28 26.29
N GLN B 34 -2.01 -31.00 26.60
CA GLN B 34 -0.66 -30.45 26.63
C GLN B 34 0.04 -30.61 28.00
N ARG B 35 -0.68 -31.10 28.99
CA ARG B 35 -0.16 -31.21 30.38
C ARG B 35 1.18 -31.95 30.53
N SER B 36 1.40 -32.95 29.68
CA SER B 36 2.66 -33.72 29.70
C SER B 36 3.78 -33.06 28.89
N ASN B 37 3.44 -31.97 28.20
CA ASN B 37 4.40 -31.15 27.46
C ASN B 37 4.96 -30.06 28.37
N ILE B 38 6.06 -30.39 29.05
CA ILE B 38 6.64 -29.54 30.10
C ILE B 38 8.00 -28.99 29.67
N PHE B 39 8.25 -27.70 29.97
CA PHE B 39 9.56 -27.10 29.75
C PHE B 39 10.65 -27.88 30.47
N SER B 40 11.73 -28.20 29.75
CA SER B 40 12.92 -28.82 30.34
C SER B 40 13.66 -27.83 31.24
N ARG B 41 14.57 -28.34 32.06
CA ARG B 41 15.41 -27.49 32.91
C ARG B 41 16.23 -26.47 32.12
N GLU B 42 16.81 -26.90 30.99
CA GLU B 42 17.55 -26.00 30.10
C GLU B 42 16.67 -24.90 29.50
N GLU B 43 15.43 -25.24 29.15
CA GLU B 43 14.47 -24.26 28.62
C GLU B 43 14.09 -23.23 29.69
N VAL B 44 13.87 -23.71 30.92
CA VAL B 44 13.58 -22.83 32.05
C VAL B 44 14.74 -21.90 32.33
N THR B 45 15.96 -22.43 32.29
CA THR B 45 17.17 -21.63 32.46
C THR B 45 17.30 -20.55 31.37
N GLY B 46 16.95 -20.91 30.13
CA GLY B 46 16.92 -19.96 29.03
C GLY B 46 16.02 -18.78 29.31
N TYR B 47 14.85 -19.06 29.89
CA TYR B 47 13.90 -18.01 30.25
C TYR B 47 14.41 -17.15 31.39
N GLN B 48 15.03 -17.79 32.37
CA GLN B 48 15.58 -17.08 33.53
C GLN B 48 16.74 -16.16 33.14
N ARG B 49 17.44 -16.51 32.06
CA ARG B 49 18.59 -15.73 31.59
C ARG B 49 18.22 -14.62 30.61
N LYS B 50 16.94 -14.55 30.23
CA LYS B 50 16.45 -13.46 29.38
C LYS B 50 16.53 -12.15 30.13
N SER B 51 16.72 -11.07 29.39
CA SER B 51 16.72 -9.73 29.97
C SER B 51 15.35 -9.45 30.60
N MET B 52 15.34 -8.57 31.60
CA MET B 52 14.10 -8.15 32.23
C MET B 52 13.14 -7.52 31.22
N TRP B 53 13.65 -6.67 30.32
CA TRP B 53 12.79 -5.99 29.35
C TRP B 53 12.13 -6.96 28.37
N GLU B 54 12.88 -7.96 27.91
CA GLU B 54 12.34 -8.90 26.93
C GLU B 54 11.27 -9.79 27.52
N MET B 55 11.48 -10.23 28.77
CA MET B 55 10.49 -11.05 29.45
C MET B 55 9.22 -10.26 29.76
N TRP B 56 9.37 -9.02 30.18
CA TRP B 56 8.21 -8.16 30.43
C TRP B 56 7.44 -7.89 29.15
N GLU B 57 8.18 -7.60 28.07
CA GLU B 57 7.57 -7.33 26.77
C GLU B 57 6.78 -8.54 26.26
N ARG B 58 7.34 -9.74 26.42
CA ARG B 58 6.63 -10.97 26.02
C ARG B 58 5.37 -11.18 26.83
N CYS B 59 5.48 -11.01 28.15
CA CYS B 59 4.36 -11.23 29.04
C CYS B 59 3.27 -10.19 28.83
N ALA B 60 3.67 -8.95 28.57
CA ALA B 60 2.71 -7.88 28.26
C ALA B 60 1.92 -8.16 26.98
N HIS B 61 2.60 -8.70 25.97
CA HIS B 61 1.94 -9.10 24.72
C HIS B 61 0.92 -10.23 24.95
N HIS B 62 1.32 -11.25 25.68
CA HIS B 62 0.44 -12.39 25.97
C HIS B 62 -0.77 -11.98 26.81
N LEU B 63 -0.54 -11.10 27.79
CA LEU B 63 -1.62 -10.60 28.65
C LEU B 63 -2.58 -9.75 27.84
N THR B 64 -2.04 -8.91 26.95
CA THR B 64 -2.88 -8.08 26.08
C THR B 64 -3.79 -8.92 25.21
N GLU B 65 -3.24 -9.98 24.63
CA GLU B 65 -3.98 -10.96 23.84
C GLU B 65 -5.09 -11.58 24.68
N ALA B 66 -4.75 -11.98 25.91
CA ALA B 66 -5.75 -12.55 26.83
C ALA B 66 -6.86 -11.55 27.14
N ILE B 67 -6.48 -10.29 27.38
CA ILE B 67 -7.45 -9.21 27.63
C ILE B 67 -8.38 -8.97 26.44
N GLN B 68 -7.83 -9.06 25.23
CA GLN B 68 -8.63 -8.90 24.01
C GLN B 68 -9.78 -9.91 23.88
N TYR B 69 -9.54 -11.14 24.30
CA TYR B 69 -10.61 -12.14 24.33
C TYR B 69 -11.67 -11.85 25.41
N VAL B 70 -11.23 -11.23 26.51
CA VAL B 70 -12.16 -10.83 27.58
C VAL B 70 -13.07 -9.68 27.13
N VAL B 71 -12.51 -8.73 26.38
CA VAL B 71 -13.29 -7.64 25.80
C VAL B 71 -14.36 -8.21 24.85
N GLU B 72 -13.94 -9.17 24.02
CA GLU B 72 -14.87 -9.87 23.13
C GLU B 72 -15.93 -10.65 23.92
N PHE B 73 -15.55 -11.24 25.05
CA PHE B 73 -16.50 -11.90 25.96
C PHE B 73 -17.55 -10.89 26.43
N ALA B 74 -17.09 -9.71 26.86
CA ALA B 74 -17.98 -8.64 27.33
C ALA B 74 -18.92 -8.13 26.22
N LYS B 75 -18.40 -8.03 25.00
CA LYS B 75 -19.20 -7.60 23.84
C LYS B 75 -20.34 -8.58 23.51
N ARG B 76 -20.11 -9.87 23.70
CA ARG B 76 -21.11 -10.89 23.41
C ARG B 76 -22.01 -11.18 24.62
N LEU B 77 -21.68 -10.60 25.77
CA LEU B 77 -22.42 -10.87 27.01
C LEU B 77 -23.78 -10.18 27.02
N SER B 78 -24.82 -10.97 27.27
CA SER B 78 -26.19 -10.47 27.29
C SER B 78 -26.31 -9.32 28.29
N GLY B 79 -26.74 -8.15 27.80
CA GLY B 79 -26.99 -6.99 28.66
C GLY B 79 -25.86 -5.98 28.77
N PHE B 80 -24.63 -6.42 28.50
CA PHE B 80 -23.46 -5.56 28.66
C PHE B 80 -23.45 -4.39 27.68
N MET B 81 -23.81 -4.66 26.42
CA MET B 81 -23.80 -3.64 25.39
C MET B 81 -25.02 -2.71 25.48
N GLU B 82 -25.95 -3.06 26.37
CA GLU B 82 -27.10 -2.21 26.67
C GLU B 82 -26.76 -1.15 27.71
N LEU B 83 -25.66 -1.37 28.44
CA LEU B 83 -25.14 -0.40 29.39
C LEU B 83 -24.58 0.81 28.63
N CYS B 84 -24.54 1.96 29.29
CA CYS B 84 -23.97 3.16 28.69
C CYS B 84 -22.47 2.97 28.47
N GLN B 85 -21.89 3.79 27.60
CA GLN B 85 -20.48 3.70 27.24
C GLN B 85 -19.56 3.81 28.45
N ASN B 86 -19.80 4.81 29.31
CA ASN B 86 -19.01 4.99 30.53
C ASN B 86 -18.96 3.73 31.38
N ASP B 87 -20.11 3.09 31.59
CA ASP B 87 -20.20 1.93 32.48
C ASP B 87 -19.49 0.71 31.91
N GLN B 88 -19.58 0.52 30.60
CA GLN B 88 -18.84 -0.51 29.89
C GLN B 88 -17.33 -0.38 30.13
N ILE B 89 -16.83 0.85 30.01
CA ILE B 89 -15.41 1.15 30.21
C ILE B 89 -14.98 0.91 31.65
N VAL B 90 -15.77 1.38 32.60
CA VAL B 90 -15.49 1.21 34.02
C VAL B 90 -15.40 -0.28 34.39
N LEU B 91 -16.37 -1.06 33.91
CA LEU B 91 -16.42 -2.49 34.23
C LEU B 91 -15.23 -3.23 33.66
N LEU B 92 -14.93 -2.96 32.39
CA LEU B 92 -13.80 -3.61 31.72
C LEU B 92 -12.45 -3.19 32.28
N LYS B 93 -12.29 -1.90 32.58
CA LYS B 93 -11.05 -1.39 33.14
C LYS B 93 -10.72 -2.07 34.47
N ALA B 94 -11.72 -2.22 35.34
CA ALA B 94 -11.51 -2.83 36.64
C ALA B 94 -11.54 -4.35 36.58
N GLY B 95 -12.25 -4.90 35.61
CA GLY B 95 -12.55 -6.34 35.57
C GLY B 95 -11.74 -7.21 34.61
N ALA B 96 -11.19 -6.61 33.56
CA ALA B 96 -10.48 -7.37 32.51
C ALA B 96 -9.39 -8.27 33.08
N MET B 97 -8.48 -7.69 33.86
CA MET B 97 -7.39 -8.41 34.49
C MET B 97 -7.89 -9.49 35.46
N GLU B 98 -8.91 -9.15 36.25
CA GLU B 98 -9.51 -10.11 37.16
C GLU B 98 -10.05 -11.35 36.43
N VAL B 99 -10.71 -11.13 35.30
CA VAL B 99 -11.22 -12.24 34.47
C VAL B 99 -10.10 -13.12 33.94
N VAL B 100 -9.04 -12.50 33.43
CA VAL B 100 -7.85 -13.25 32.98
C VAL B 100 -7.26 -14.10 34.11
N LEU B 101 -7.18 -13.53 35.31
CA LEU B 101 -6.65 -14.26 36.46
C LEU B 101 -7.49 -15.52 36.77
N VAL B 102 -8.81 -15.41 36.59
CA VAL B 102 -9.69 -16.57 36.76
C VAL B 102 -9.52 -17.57 35.62
N ARG B 103 -9.55 -17.06 34.39
CA ARG B 103 -9.37 -17.87 33.19
C ARG B 103 -8.10 -18.72 33.21
N MET B 104 -7.07 -18.23 33.91
CA MET B 104 -5.78 -18.93 34.03
C MET B 104 -5.86 -20.31 34.67
N CYS B 105 -6.80 -20.53 35.59
CA CYS B 105 -6.90 -21.83 36.24
C CYS B 105 -7.09 -23.00 35.24
N ARG B 106 -7.70 -22.72 34.09
CA ARG B 106 -7.85 -23.73 33.02
C ARG B 106 -6.52 -24.16 32.42
N ALA B 107 -5.54 -23.25 32.47
CA ALA B 107 -4.21 -23.49 31.90
C ALA B 107 -3.20 -23.79 33.01
N TYR B 108 -3.72 -24.10 34.19
CA TYR B 108 -2.90 -24.37 35.35
C TYR B 108 -3.06 -25.83 35.78
N ASN B 109 -1.92 -26.48 36.05
CA ASN B 109 -1.90 -27.87 36.50
C ASN B 109 -1.51 -27.94 37.97
N ALA B 110 -2.49 -28.25 38.82
CA ALA B 110 -2.27 -28.30 40.27
C ALA B 110 -1.33 -29.42 40.71
N ASP B 111 -1.20 -30.46 39.88
CA ASP B 111 -0.34 -31.61 40.19
C ASP B 111 1.15 -31.27 40.28
N ASN B 112 1.63 -30.40 39.39
CA ASN B 112 3.05 -29.99 39.40
C ASN B 112 3.23 -28.48 39.51
N ARG B 113 2.13 -27.77 39.79
CA ARG B 113 2.11 -26.32 39.92
C ARG B 113 2.72 -25.59 38.71
N THR B 114 2.26 -25.96 37.51
CA THR B 114 2.72 -25.32 36.27
C THR B 114 1.61 -24.55 35.53
N VAL B 115 2.01 -23.58 34.73
CA VAL B 115 1.08 -22.86 33.85
C VAL B 115 1.46 -23.07 32.37
N PHE B 116 0.45 -23.09 31.50
CA PHE B 116 0.70 -23.15 30.06
C PHE B 116 1.17 -21.79 29.55
N PHE B 117 2.40 -21.75 29.05
CA PHE B 117 3.04 -20.52 28.63
C PHE B 117 3.93 -20.79 27.41
N GLU B 118 3.69 -20.03 26.34
CA GLU B 118 4.45 -20.12 25.09
C GLU B 118 4.63 -21.56 24.61
N GLY B 119 3.56 -22.34 24.68
CA GLY B 119 3.53 -23.68 24.10
C GLY B 119 3.84 -24.86 25.01
N LYS B 120 4.32 -24.62 26.23
CA LYS B 120 4.57 -25.69 27.21
C LYS B 120 4.17 -25.29 28.63
N TYR B 121 4.13 -26.27 29.53
CA TYR B 121 3.87 -26.02 30.95
C TYR B 121 5.15 -25.73 31.72
N GLY B 122 5.15 -24.61 32.45
CA GLY B 122 6.31 -24.22 33.26
C GLY B 122 5.92 -23.74 34.65
N GLY B 123 6.83 -23.96 35.60
CA GLY B 123 6.61 -23.53 36.98
C GLY B 123 6.81 -22.03 37.15
N MET B 124 6.58 -21.55 38.36
CA MET B 124 6.68 -20.11 38.65
C MET B 124 8.10 -19.55 38.52
N GLU B 125 9.10 -20.43 38.58
CA GLU B 125 10.50 -20.01 38.46
C GLU B 125 10.89 -19.62 37.02
N LEU B 126 10.04 -20.00 36.06
CA LEU B 126 10.25 -19.62 34.66
C LEU B 126 10.17 -18.10 34.46
N PHE B 127 9.44 -17.43 35.36
CA PHE B 127 9.19 -16.00 35.26
C PHE B 127 10.19 -15.17 36.08
N ARG B 128 11.29 -15.82 36.47
CA ARG B 128 12.31 -15.21 37.33
C ARG B 128 12.85 -13.86 36.82
N ALA B 129 13.06 -13.75 35.51
CA ALA B 129 13.62 -12.53 34.90
C ALA B 129 12.75 -11.29 35.06
N LEU B 130 11.47 -11.48 35.36
CA LEU B 130 10.54 -10.36 35.58
C LEU B 130 10.90 -9.54 36.82
N GLY B 131 11.59 -10.16 37.78
CA GLY B 131 11.93 -9.50 39.04
C GLY B 131 10.72 -9.19 39.92
N CYS B 132 9.73 -10.09 39.90
CA CYS B 132 8.56 -9.96 40.77
C CYS B 132 8.05 -11.32 41.27
N SER B 133 8.94 -12.08 41.90
CA SER B 133 8.65 -13.44 42.34
C SER B 133 7.46 -13.56 43.29
N GLU B 134 7.26 -12.53 44.12
CA GLU B 134 6.16 -12.49 45.09
C GLU B 134 4.79 -12.41 44.40
N LEU B 135 4.67 -11.52 43.41
CA LEU B 135 3.47 -11.43 42.60
C LEU B 135 3.20 -12.75 41.88
N ILE B 136 4.24 -13.28 41.21
CA ILE B 136 4.11 -14.53 40.47
C ILE B 136 3.67 -15.68 41.38
N SER B 137 4.28 -15.79 42.56
CA SER B 137 3.89 -16.83 43.52
C SER B 137 2.44 -16.65 44.01
N SER B 138 2.02 -15.40 44.19
CA SER B 138 0.64 -15.07 44.58
C SER B 138 -0.39 -15.43 43.51
N ILE B 139 -0.05 -15.17 42.24
CA ILE B 139 -0.90 -15.55 41.12
C ILE B 139 -1.03 -17.07 41.00
N PHE B 140 0.08 -17.78 41.13
CA PHE B 140 0.09 -19.24 41.13
C PHE B 140 -0.75 -19.80 42.29
N ASP B 141 -0.66 -19.15 43.46
CA ASP B 141 -1.49 -19.50 44.63
C ASP B 141 -2.97 -19.37 44.34
N PHE B 142 -3.35 -18.26 43.71
CA PHE B 142 -4.74 -17.99 43.36
C PHE B 142 -5.30 -19.07 42.44
N SER B 143 -4.56 -19.37 41.35
CA SER B 143 -4.93 -20.48 40.46
C SER B 143 -5.02 -21.83 41.17
N HIS B 144 -4.07 -22.10 42.08
CA HIS B 144 -4.09 -23.32 42.87
C HIS B 144 -5.38 -23.44 43.69
N SER B 145 -5.79 -22.34 44.29
CA SER B 145 -7.06 -22.23 45.01
C SER B 145 -8.27 -22.58 44.14
N LEU B 146 -8.32 -21.99 42.94
CA LEU B 146 -9.43 -22.23 42.01
C LEU B 146 -9.45 -23.66 41.49
N SER B 147 -8.26 -24.24 41.30
CA SER B 147 -8.13 -25.59 40.76
C SER B 147 -8.80 -26.63 41.64
N ALA B 148 -8.78 -26.41 42.95
CA ALA B 148 -9.41 -27.30 43.93
C ALA B 148 -10.93 -27.36 43.80
N LEU B 149 -11.53 -26.31 43.22
CA LEU B 149 -12.97 -26.26 43.02
C LEU B 149 -13.45 -27.10 41.84
N HIS B 150 -12.51 -27.45 40.96
CA HIS B 150 -12.78 -28.23 39.74
C HIS B 150 -13.90 -27.64 38.89
N PHE B 151 -13.76 -26.35 38.57
CA PHE B 151 -14.70 -25.60 37.74
C PHE B 151 -15.01 -26.33 36.44
N SER B 152 -16.30 -26.50 36.15
CA SER B 152 -16.72 -26.87 34.81
C SER B 152 -16.59 -25.63 33.92
N GLU B 153 -16.66 -25.82 32.61
CA GLU B 153 -16.59 -24.69 31.66
C GLU B 153 -17.77 -23.74 31.82
N ASP B 154 -18.96 -24.31 32.04
CA ASP B 154 -20.17 -23.52 32.29
C ASP B 154 -20.03 -22.67 33.55
N GLU B 155 -19.43 -23.26 34.59
CA GLU B 155 -19.20 -22.55 35.85
C GLU B 155 -18.24 -21.38 35.69
N ILE B 156 -17.17 -21.59 34.92
CA ILE B 156 -16.21 -20.52 34.63
C ILE B 156 -16.89 -19.37 33.87
N ALA B 157 -17.76 -19.74 32.93
CA ALA B 157 -18.51 -18.80 32.12
C ALA B 157 -19.37 -17.87 32.99
N LEU B 158 -20.16 -18.47 33.88
CA LEU B 158 -21.07 -17.71 34.72
C LEU B 158 -20.32 -16.92 35.80
N TYR B 159 -19.29 -17.52 36.38
CA TYR B 159 -18.48 -16.85 37.40
C TYR B 159 -17.71 -15.63 36.84
N THR B 160 -17.06 -15.78 35.67
CA THR B 160 -16.35 -14.64 35.07
C THR B 160 -17.28 -13.50 34.63
N ALA B 161 -18.49 -13.83 34.17
CA ALA B 161 -19.49 -12.80 33.87
C ALA B 161 -19.78 -11.94 35.10
N LEU B 162 -19.86 -12.57 36.27
CA LEU B 162 -20.11 -11.86 37.52
C LEU B 162 -18.88 -11.10 38.04
N VAL B 163 -17.69 -11.64 37.78
CA VAL B 163 -16.46 -10.89 38.05
C VAL B 163 -16.49 -9.56 37.28
N LEU B 164 -16.95 -9.62 36.04
CA LEU B 164 -17.10 -8.44 35.19
C LEU B 164 -18.27 -7.54 35.61
N ILE B 165 -19.47 -8.12 35.74
CA ILE B 165 -20.65 -7.33 36.05
C ILE B 165 -20.78 -7.14 37.58
N ASN B 166 -20.07 -6.12 38.06
CA ASN B 166 -19.98 -5.79 39.47
C ASN B 166 -20.51 -4.36 39.66
N ALA B 167 -21.68 -4.25 40.26
CA ALA B 167 -22.37 -2.97 40.43
C ALA B 167 -21.73 -2.05 41.48
N HIS B 168 -20.69 -2.56 42.15
CA HIS B 168 -19.98 -1.79 43.18
C HIS B 168 -18.65 -1.18 42.71
N ARG B 169 -18.35 -1.30 41.42
CA ARG B 169 -17.18 -0.61 40.85
C ARG B 169 -17.39 0.91 40.91
N PRO B 170 -16.43 1.65 41.49
CA PRO B 170 -16.52 3.11 41.55
C PRO B 170 -16.63 3.73 40.15
N GLY B 171 -17.48 4.75 40.00
CA GLY B 171 -17.56 5.51 38.76
C GLY B 171 -18.71 5.16 37.83
N LEU B 172 -19.55 4.21 38.24
CA LEU B 172 -20.70 3.81 37.43
C LEU B 172 -21.76 4.91 37.39
N GLN B 173 -22.27 5.17 36.18
CA GLN B 173 -23.26 6.21 35.92
C GLN B 173 -24.69 5.69 36.13
N GLU B 174 -24.95 4.46 35.66
CA GLU B 174 -26.24 3.83 35.80
C GLU B 174 -26.14 2.62 36.74
N LYS B 175 -25.88 2.89 38.02
CA LYS B 175 -25.65 1.82 39.01
C LYS B 175 -26.80 0.82 39.08
N ARG B 176 -28.03 1.33 39.02
CA ARG B 176 -29.23 0.49 39.08
C ARG B 176 -29.35 -0.48 37.91
N LYS B 177 -29.01 0.00 36.71
CA LYS B 177 -28.99 -0.85 35.51
C LYS B 177 -27.97 -1.98 35.64
N VAL B 178 -26.81 -1.67 36.19
CA VAL B 178 -25.74 -2.66 36.42
C VAL B 178 -26.13 -3.63 37.54
N GLU B 179 -26.84 -3.13 38.55
CA GLU B 179 -27.38 -3.95 39.64
C GLU B 179 -28.32 -5.02 39.10
N GLN B 180 -29.23 -4.62 38.23
CA GLN B 180 -30.22 -5.53 37.66
C GLN B 180 -29.57 -6.62 36.82
N LEU B 181 -28.57 -6.24 36.03
CA LEU B 181 -27.86 -7.20 35.21
C LEU B 181 -27.10 -8.19 36.08
N GLN B 182 -26.42 -7.66 37.10
CA GLN B 182 -25.67 -8.48 38.05
C GLN B 182 -26.60 -9.46 38.73
N TYR B 183 -27.75 -8.96 39.18
CA TYR B 183 -28.72 -9.81 39.88
C TYR B 183 -29.20 -10.95 38.99
N ASN B 184 -29.56 -10.64 37.75
CA ASN B 184 -29.99 -11.67 36.80
C ASN B 184 -28.90 -12.70 36.51
N LEU B 185 -27.65 -12.25 36.46
CA LEU B 185 -26.51 -13.15 36.27
C LEU B 185 -26.26 -14.01 37.50
N GLU B 186 -26.53 -13.45 38.68
CA GLU B 186 -26.52 -14.20 39.93
C GLU B 186 -27.63 -15.25 39.94
N LEU B 187 -28.82 -14.87 39.50
CA LEU B 187 -29.92 -15.85 39.34
C LEU B 187 -29.52 -16.97 38.39
N ALA B 188 -28.85 -16.60 37.30
CA ALA B 188 -28.37 -17.56 36.31
C ALA B 188 -27.34 -18.53 36.91
N PHE B 189 -26.34 -17.99 37.60
CA PHE B 189 -25.30 -18.77 38.26
C PHE B 189 -25.92 -19.71 39.29
N HIS B 190 -26.74 -19.17 40.17
CA HIS B 190 -27.35 -19.94 41.26
C HIS B 190 -28.29 -21.02 40.75
N HIS B 191 -29.07 -20.70 39.73
CA HIS B 191 -29.91 -21.71 39.06
C HIS B 191 -29.05 -22.88 38.54
N HIS B 192 -27.98 -22.56 37.82
CA HIS B 192 -27.14 -23.62 37.24
C HIS B 192 -26.49 -24.51 38.30
N LEU B 193 -26.04 -23.88 39.39
CA LEU B 193 -25.41 -24.61 40.49
C LEU B 193 -26.40 -25.50 41.24
N SER B 194 -27.59 -24.96 41.55
CA SER B 194 -28.64 -25.74 42.23
C SER B 194 -29.09 -26.92 41.38
N LYS B 195 -29.26 -26.68 40.09
CA LYS B 195 -29.61 -27.70 39.10
C LYS B 195 -28.56 -28.82 39.06
N THR B 196 -27.28 -28.45 39.18
CA THR B 196 -26.19 -29.40 39.02
C THR B 196 -25.60 -29.91 40.33
N HIS B 197 -26.25 -29.56 41.45
CA HIS B 197 -25.83 -29.98 42.79
C HIS B 197 -24.42 -29.45 43.12
N ARG B 198 -24.19 -28.18 42.77
CA ARG B 198 -22.87 -27.56 42.94
C ARG B 198 -22.90 -26.26 43.72
N GLN B 199 -23.99 -26.00 44.46
CA GLN B 199 -24.10 -24.77 45.26
C GLN B 199 -23.01 -24.67 46.32
N SER B 200 -22.40 -25.81 46.67
CA SER B 200 -21.35 -25.85 47.69
C SER B 200 -20.09 -25.06 47.30
N ILE B 201 -19.93 -24.74 46.02
CA ILE B 201 -18.74 -23.98 45.58
C ILE B 201 -18.79 -22.51 45.98
N LEU B 202 -19.99 -21.98 46.21
CA LEU B 202 -20.18 -20.55 46.51
C LEU B 202 -19.42 -20.08 47.75
N ALA B 203 -19.45 -20.89 48.81
CA ALA B 203 -18.72 -20.60 50.04
C ALA B 203 -17.20 -20.76 49.87
N LYS B 204 -16.79 -21.43 48.80
CA LYS B 204 -15.39 -21.69 48.52
C LYS B 204 -14.77 -20.76 47.46
N LEU B 205 -15.59 -19.87 46.90
CA LEU B 205 -15.10 -18.85 45.97
C LEU B 205 -14.20 -17.85 46.69
N PRO B 206 -13.18 -17.30 46.00
CA PRO B 206 -12.22 -16.43 46.68
C PRO B 206 -12.83 -15.10 47.12
N PRO B 207 -12.43 -14.58 48.29
CA PRO B 207 -12.91 -13.27 48.74
C PRO B 207 -12.50 -12.19 47.75
N LYS B 208 -13.37 -11.20 47.52
CA LYS B 208 -13.15 -10.17 46.48
C LYS B 208 -11.85 -9.38 46.66
N GLY B 209 -11.40 -9.26 47.91
CA GLY B 209 -10.12 -8.63 48.23
C GLY B 209 -8.92 -9.28 47.55
N LYS B 210 -9.00 -10.59 47.34
CA LYS B 210 -7.91 -11.36 46.72
C LYS B 210 -7.59 -10.90 45.29
N LEU B 211 -8.62 -10.87 44.45
CA LEU B 211 -8.45 -10.45 43.06
C LEU B 211 -8.00 -9.00 42.97
N ARG B 212 -8.58 -8.14 43.81
CA ARG B 212 -8.21 -6.73 43.88
C ARG B 212 -6.75 -6.56 44.34
N SER B 213 -6.33 -7.40 45.27
CA SER B 213 -4.95 -7.43 45.75
C SER B 213 -3.95 -7.81 44.65
N LEU B 214 -4.27 -8.85 43.88
CA LEU B 214 -3.40 -9.30 42.79
C LEU B 214 -3.25 -8.24 41.71
N CYS B 215 -4.36 -7.58 41.39
CA CYS B 215 -4.38 -6.51 40.40
C CYS B 215 -3.56 -5.30 40.85
N SER B 216 -3.69 -4.93 42.12
CA SER B 216 -2.92 -3.83 42.70
C SER B 216 -1.42 -4.15 42.70
N GLN B 217 -1.07 -5.37 43.07
CA GLN B 217 0.33 -5.83 43.04
C GLN B 217 0.88 -5.78 41.62
N HIS B 218 0.07 -6.16 40.64
CA HIS B 218 0.47 -6.15 39.23
C HIS B 218 0.81 -4.73 38.76
N VAL B 219 -0.07 -3.79 39.05
CA VAL B 219 0.14 -2.35 38.74
C VAL B 219 1.42 -1.81 39.40
N GLU B 220 1.64 -2.17 40.66
CA GLU B 220 2.84 -1.78 41.41
C GLU B 220 4.13 -2.28 40.75
N ARG B 221 4.13 -3.55 40.35
CA ARG B 221 5.33 -4.17 39.77
C ARG B 221 5.69 -3.56 38.41
N LEU B 222 4.68 -3.14 37.65
CA LEU B 222 4.89 -2.43 36.39
C LEU B 222 5.49 -1.04 36.63
N GLN B 223 5.06 -0.38 37.71
CA GLN B 223 5.65 0.91 38.09
C GLN B 223 7.14 0.79 38.36
N ILE B 224 7.55 -0.31 38.99
CA ILE B 224 8.96 -0.59 39.22
C ILE B 224 9.71 -0.89 37.91
N PHE B 225 9.15 -1.77 37.08
CA PHE B 225 9.76 -2.09 35.77
C PHE B 225 9.95 -0.85 34.90
N GLN B 226 8.92 0.00 34.89
CA GLN B 226 8.91 1.26 34.16
C GLN B 226 10.04 2.21 34.63
N HIS B 227 10.28 2.23 35.94
CA HIS B 227 11.40 3.01 36.49
C HIS B 227 12.71 2.50 35.91
N LEU B 228 12.85 1.19 35.81
CA LEU B 228 14.09 0.57 35.36
C LEU B 228 14.27 0.67 33.83
N HIS B 229 13.16 0.54 33.10
CA HIS B 229 13.21 0.57 31.62
C HIS B 229 12.04 1.38 31.05
N PRO B 230 12.12 2.72 31.16
CA PRO B 230 10.97 3.56 30.77
C PRO B 230 10.72 3.66 29.26
N ILE B 231 11.77 3.58 28.45
CA ILE B 231 11.62 3.68 26.99
C ILE B 231 10.95 2.43 26.40
N VAL B 232 11.28 1.26 26.94
CA VAL B 232 10.72 -0.01 26.46
C VAL B 232 9.18 0.01 26.43
N VAL B 233 8.56 0.49 27.51
CA VAL B 233 7.09 0.54 27.62
C VAL B 233 6.45 1.42 26.53
N GLN B 234 6.95 2.65 26.39
CA GLN B 234 6.50 3.57 25.34
C GLN B 234 6.69 3.00 23.94
N ALA B 235 7.80 2.33 23.70
CA ALA B 235 8.18 1.93 22.34
C ALA B 235 7.55 0.62 21.88
N ALA B 236 7.45 -0.36 22.79
CA ALA B 236 7.23 -1.74 22.39
C ALA B 236 6.01 -2.46 23.00
N PHE B 237 5.49 -1.94 24.12
CA PHE B 237 4.34 -2.53 24.80
C PHE B 237 3.03 -2.15 24.10
N PRO B 238 2.04 -3.07 24.07
CA PRO B 238 0.75 -2.74 23.44
C PRO B 238 0.08 -1.53 24.08
N PRO B 239 -0.47 -0.62 23.26
CA PRO B 239 -1.09 0.57 23.82
C PRO B 239 -2.25 0.27 24.78
N LEU B 240 -3.02 -0.79 24.51
CA LEU B 240 -4.11 -1.18 25.40
C LEU B 240 -3.58 -1.56 26.79
N TYR B 241 -2.40 -2.19 26.80
CA TYR B 241 -1.73 -2.59 28.04
C TYR B 241 -1.31 -1.36 28.86
N LYS B 242 -0.73 -0.37 28.19
CA LYS B 242 -0.34 0.89 28.83
C LYS B 242 -1.57 1.59 29.42
N GLU B 243 -2.64 1.64 28.63
CA GLU B 243 -3.91 2.24 29.06
C GLU B 243 -4.51 1.57 30.32
N LEU B 244 -4.48 0.24 30.35
CA LEU B 244 -5.10 -0.49 31.45
C LEU B 244 -4.26 -0.53 32.73
N PHE B 245 -2.94 -0.49 32.60
CA PHE B 245 -2.06 -0.84 33.72
C PHE B 245 -1.03 0.23 34.13
N SER B 246 -0.68 1.13 33.22
CA SER B 246 0.41 2.07 33.46
C SER B 246 0.01 3.22 34.37
N TYR C 3 -45.61 12.14 -4.54
CA TYR C 3 -45.92 10.78 -4.00
C TYR C 3 -45.95 9.77 -5.15
N ALA C 4 -44.78 9.32 -5.57
CA ALA C 4 -44.64 8.42 -6.73
C ALA C 4 -45.32 7.07 -6.52
N SER C 5 -46.07 6.63 -7.52
CA SER C 5 -46.73 5.32 -7.51
C SER C 5 -45.72 4.20 -7.74
N LEU C 6 -46.19 2.95 -7.63
CA LEU C 6 -45.35 1.79 -7.95
C LEU C 6 -44.94 1.83 -9.43
N THR C 7 -45.85 2.29 -10.28
CA THR C 7 -45.61 2.42 -11.72
C THR C 7 -44.49 3.41 -12.01
N GLU C 8 -44.57 4.58 -11.39
CA GLU C 8 -43.57 5.64 -11.55
C GLU C 8 -42.21 5.26 -10.98
N ILE C 9 -42.23 4.51 -9.88
CA ILE C 9 -41.00 4.00 -9.25
C ILE C 9 -40.34 2.96 -10.15
N GLU C 10 -41.16 2.06 -10.72
CA GLU C 10 -40.65 1.03 -11.63
C GLU C 10 -40.09 1.60 -12.93
N HIS C 11 -40.72 2.66 -13.45
CA HIS C 11 -40.20 3.35 -14.64
C HIS C 11 -38.91 4.10 -14.33
N LEU C 12 -38.79 4.62 -13.11
CA LEU C 12 -37.56 5.26 -12.64
C LEU C 12 -36.39 4.28 -12.58
N VAL C 13 -36.66 3.06 -12.10
CA VAL C 13 -35.66 1.98 -12.11
C VAL C 13 -35.16 1.74 -13.53
N GLN C 14 -36.10 1.58 -14.46
CA GLN C 14 -35.81 1.31 -15.87
C GLN C 14 -34.98 2.44 -16.48
N SER C 15 -35.36 3.68 -16.18
CA SER C 15 -34.69 4.87 -16.69
C SER C 15 -33.24 4.97 -16.21
N VAL C 16 -33.03 4.74 -14.92
CA VAL C 16 -31.70 4.79 -14.31
C VAL C 16 -30.78 3.69 -14.86
N CYS C 17 -31.29 2.46 -14.92
CA CYS C 17 -30.52 1.34 -15.48
C CYS C 17 -30.14 1.54 -16.95
N LYS C 18 -31.03 2.17 -17.71
CA LYS C 18 -30.78 2.52 -19.12
C LYS C 18 -29.70 3.59 -19.25
N SER C 19 -29.80 4.64 -18.44
CA SER C 19 -28.82 5.72 -18.41
C SER C 19 -27.43 5.20 -18.08
N TYR C 20 -27.35 4.27 -17.12
CA TYR C 20 -26.07 3.67 -16.77
C TYR C 20 -25.48 2.86 -17.92
N ARG C 21 -26.26 1.92 -18.45
CA ARG C 21 -25.86 1.11 -19.60
C ARG C 21 -25.26 1.94 -20.72
N GLU C 22 -25.90 3.07 -21.00
CA GLU C 22 -25.47 3.95 -22.09
C GLU C 22 -24.20 4.75 -21.79
N THR C 23 -23.84 4.86 -20.51
CA THR C 23 -22.71 5.70 -20.08
C THR C 23 -21.70 4.95 -19.20
N CYS C 24 -21.75 3.62 -19.19
CA CYS C 24 -20.93 2.82 -18.30
C CYS C 24 -19.43 2.81 -18.64
N GLN C 25 -19.08 3.46 -19.75
CA GLN C 25 -17.70 3.63 -20.24
C GLN C 25 -17.08 2.34 -20.82
N LEU C 26 -17.06 1.28 -20.02
CA LEU C 26 -16.69 -0.05 -20.50
C LEU C 26 -17.74 -1.08 -20.12
N ARG C 27 -18.06 -1.96 -21.08
CA ARG C 27 -18.99 -3.06 -20.85
C ARG C 27 -18.39 -4.08 -19.90
N LEU C 28 -19.21 -4.60 -19.00
CA LEU C 28 -18.77 -5.54 -17.96
C LEU C 28 -18.10 -6.79 -18.52
N GLU C 29 -18.62 -7.28 -19.64
CA GLU C 29 -18.07 -8.48 -20.27
C GLU C 29 -16.67 -8.25 -20.82
N ASP C 30 -16.41 -7.04 -21.30
CA ASP C 30 -15.07 -6.65 -21.74
C ASP C 30 -14.09 -6.67 -20.55
N LEU C 31 -14.55 -6.16 -19.41
CA LEU C 31 -13.71 -6.12 -18.19
C LEU C 31 -13.43 -7.52 -17.63
N LEU C 32 -14.45 -8.38 -17.65
CA LEU C 32 -14.30 -9.77 -17.20
C LEU C 32 -13.41 -10.59 -18.11
N ARG C 33 -13.56 -10.41 -19.43
CA ARG C 33 -12.71 -11.10 -20.42
C ARG C 33 -11.22 -10.75 -20.27
N GLN C 34 -10.94 -9.55 -19.77
CA GLN C 34 -9.57 -9.05 -19.68
C GLN C 34 -8.83 -9.49 -18.41
N ARG C 35 -9.52 -10.20 -17.53
CA ARG C 35 -8.99 -10.58 -16.21
C ARG C 35 -7.63 -11.29 -16.20
N SER C 36 -7.42 -12.18 -17.16
CA SER C 36 -6.16 -12.91 -17.28
C SER C 36 -5.03 -12.05 -17.86
N ASN C 37 -5.38 -10.90 -18.42
CA ASN C 37 -4.40 -9.96 -18.97
C ASN C 37 -3.83 -9.08 -17.86
N ILE C 38 -2.73 -9.55 -17.27
CA ILE C 38 -2.12 -8.90 -16.11
C ILE C 38 -0.74 -8.33 -16.48
N PHE C 39 -0.40 -7.16 -15.92
CA PHE C 39 0.91 -6.56 -16.15
C PHE C 39 2.05 -7.48 -15.69
N SER C 40 3.08 -7.55 -16.52
CA SER C 40 4.26 -8.34 -16.23
C SER C 40 5.10 -7.68 -15.15
N ARG C 41 6.03 -8.45 -14.58
CA ARG C 41 6.95 -7.96 -13.57
C ARG C 41 7.74 -6.75 -14.09
N GLU C 42 8.19 -6.83 -15.35
CA GLU C 42 8.94 -5.74 -15.99
C GLU C 42 8.06 -4.49 -16.17
N GLU C 43 6.82 -4.68 -16.59
CA GLU C 43 5.86 -3.59 -16.77
C GLU C 43 5.57 -2.86 -15.44
N VAL C 44 5.36 -3.65 -14.38
CA VAL C 44 5.09 -3.12 -13.04
C VAL C 44 6.30 -2.29 -12.55
N THR C 45 7.49 -2.88 -12.65
CA THR C 45 8.73 -2.17 -12.37
C THR C 45 8.83 -0.87 -13.20
N GLY C 46 8.45 -0.96 -14.49
CA GLY C 46 8.40 0.21 -15.38
C GLY C 46 7.53 1.33 -14.84
N TYR C 47 6.31 0.99 -14.41
CA TYR C 47 5.42 1.97 -13.76
C TYR C 47 6.00 2.58 -12.50
N GLN C 48 6.66 1.76 -11.70
CA GLN C 48 7.19 2.19 -10.42
C GLN C 48 8.37 3.15 -10.59
N ARG C 49 9.06 3.00 -11.71
CA ARG C 49 10.23 3.84 -12.03
C ARG C 49 9.86 5.17 -12.67
N LYS C 50 8.61 5.30 -13.14
CA LYS C 50 8.16 6.55 -13.78
C LYS C 50 8.30 7.74 -12.86
N SER C 51 8.54 8.90 -13.46
CA SER C 51 8.58 10.15 -12.70
C SER C 51 7.21 10.39 -12.08
N MET C 52 7.20 11.10 -10.96
CA MET C 52 5.95 11.47 -10.29
C MET C 52 5.00 12.24 -11.21
N TRP C 53 5.54 13.20 -11.96
CA TRP C 53 4.73 14.03 -12.85
C TRP C 53 4.07 13.24 -13.98
N GLU C 54 4.79 12.27 -14.54
CA GLU C 54 4.25 11.49 -15.65
C GLU C 54 3.13 10.57 -15.17
N MET C 55 3.34 9.95 -14.00
CA MET C 55 2.32 9.07 -13.45
C MET C 55 1.06 9.84 -13.03
N TRP C 56 1.23 11.00 -12.38
CA TRP C 56 0.08 11.84 -12.02
C TRP C 56 -0.69 12.32 -13.25
N GLU C 57 0.06 12.66 -14.29
CA GLU C 57 -0.51 13.16 -15.54
C GLU C 57 -1.36 12.10 -16.23
N ARG C 58 -0.84 10.87 -16.32
CA ARG C 58 -1.60 9.74 -16.88
C ARG C 58 -2.89 9.52 -16.10
N CYS C 59 -2.76 9.52 -14.78
CA CYS C 59 -3.90 9.24 -13.91
C CYS C 59 -4.95 10.33 -13.98
N ALA C 60 -4.51 11.60 -14.07
CA ALA C 60 -5.43 12.73 -14.19
C ALA C 60 -6.24 12.66 -15.49
N HIS C 61 -5.55 12.34 -16.59
CA HIS C 61 -6.21 12.14 -17.88
C HIS C 61 -7.30 11.05 -17.82
N HIS C 62 -6.94 9.89 -17.28
CA HIS C 62 -7.87 8.77 -17.18
C HIS C 62 -9.04 9.07 -16.27
N LEU C 63 -8.76 9.76 -15.15
CA LEU C 63 -9.81 10.15 -14.21
C LEU C 63 -10.77 11.14 -14.89
N THR C 64 -10.20 12.07 -15.66
CA THR C 64 -11.00 13.02 -16.43
C THR C 64 -11.91 12.30 -17.43
N GLU C 65 -11.35 11.33 -18.16
CA GLU C 65 -12.16 10.52 -19.08
C GLU C 65 -13.32 9.86 -18.35
N ALA C 66 -13.03 9.18 -17.24
CA ALA C 66 -14.06 8.53 -16.41
C ALA C 66 -15.14 9.52 -15.94
N ILE C 67 -14.72 10.72 -15.56
CA ILE C 67 -15.65 11.77 -15.13
C ILE C 67 -16.56 12.27 -16.27
N GLN C 68 -16.01 12.37 -17.48
CA GLN C 68 -16.81 12.74 -18.65
C GLN C 68 -18.00 11.79 -18.84
N TYR C 69 -17.79 10.50 -18.59
CA TYR C 69 -18.89 9.53 -18.65
C TYR C 69 -19.93 9.70 -17.55
N VAL C 70 -19.48 10.15 -16.38
CA VAL C 70 -20.39 10.43 -15.25
C VAL C 70 -21.22 11.68 -15.52
N VAL C 71 -20.63 12.68 -16.17
CA VAL C 71 -21.38 13.85 -16.62
C VAL C 71 -22.49 13.44 -17.59
N GLU C 72 -22.14 12.55 -18.54
CA GLU C 72 -23.10 12.04 -19.52
C GLU C 72 -24.19 11.17 -18.85
N PHE C 73 -23.81 10.44 -17.80
CA PHE C 73 -24.76 9.69 -16.98
C PHE C 73 -25.77 10.65 -16.35
N ALA C 74 -25.26 11.72 -15.76
CA ALA C 74 -26.08 12.74 -15.11
C ALA C 74 -27.05 13.40 -16.09
N LYS C 75 -26.54 13.74 -17.27
CA LYS C 75 -27.35 14.39 -18.29
C LYS C 75 -28.54 13.53 -18.74
N ARG C 76 -28.37 12.21 -18.70
CA ARG C 76 -29.41 11.27 -19.13
C ARG C 76 -30.26 10.76 -17.96
N LEU C 77 -29.99 11.27 -16.77
CA LEU C 77 -30.65 10.82 -15.57
C LEU C 77 -32.00 11.53 -15.38
N SER C 78 -33.03 10.73 -15.11
CA SER C 78 -34.38 11.24 -14.90
C SER C 78 -34.41 12.15 -13.67
N GLY C 79 -34.81 13.41 -13.89
CA GLY C 79 -34.94 14.37 -12.80
C GLY C 79 -33.78 15.34 -12.66
N PHE C 80 -32.60 14.95 -13.12
CA PHE C 80 -31.38 15.75 -12.94
C PHE C 80 -31.39 17.03 -13.78
N MET C 81 -31.73 16.92 -15.06
CA MET C 81 -31.71 18.08 -15.94
C MET C 81 -32.90 19.02 -15.69
N GLU C 82 -33.87 18.53 -14.92
CA GLU C 82 -35.01 19.33 -14.50
C GLU C 82 -34.66 20.25 -13.32
N LEU C 83 -33.55 19.94 -12.65
CA LEU C 83 -33.03 20.79 -11.56
C LEU C 83 -32.38 22.05 -12.14
N CYS C 84 -32.35 23.11 -11.36
CA CYS C 84 -31.73 24.37 -11.79
C CYS C 84 -30.24 24.20 -12.04
N GLN C 85 -29.71 25.01 -12.95
CA GLN C 85 -28.31 24.92 -13.38
C GLN C 85 -27.30 24.92 -12.24
N ASN C 86 -27.52 25.77 -11.24
CA ASN C 86 -26.63 25.82 -10.07
C ASN C 86 -26.53 24.49 -9.33
N ASP C 87 -27.67 23.83 -9.13
CA ASP C 87 -27.71 22.58 -8.37
C ASP C 87 -27.09 21.43 -9.14
N GLN C 88 -27.28 21.42 -10.46
CA GLN C 88 -26.64 20.44 -11.34
C GLN C 88 -25.12 20.46 -11.16
N ILE C 89 -24.56 21.66 -11.14
CA ILE C 89 -23.13 21.89 -10.96
C ILE C 89 -22.67 21.42 -9.57
N VAL C 90 -23.41 21.82 -8.53
CA VAL C 90 -23.07 21.45 -7.15
C VAL C 90 -23.02 19.94 -6.99
N LEU C 91 -24.06 19.25 -7.46
CA LEU C 91 -24.14 17.79 -7.35
C LEU C 91 -23.02 17.08 -8.11
N LEU C 92 -22.72 17.54 -9.32
CA LEU C 92 -21.65 16.93 -10.11
C LEU C 92 -20.26 17.19 -9.56
N LYS C 93 -20.02 18.42 -9.08
CA LYS C 93 -18.72 18.81 -8.54
C LYS C 93 -18.38 18.02 -7.27
N ALA C 94 -19.36 17.86 -6.39
CA ALA C 94 -19.17 17.06 -5.18
C ALA C 94 -19.23 15.56 -5.47
N GLY C 95 -20.01 15.15 -6.47
CA GLY C 95 -20.34 13.74 -6.65
C GLY C 95 -19.61 12.96 -7.73
N ALA C 96 -18.95 13.66 -8.66
CA ALA C 96 -18.35 13.00 -9.82
C ALA C 96 -17.27 11.99 -9.43
N MET C 97 -16.33 12.44 -8.60
CA MET C 97 -15.26 11.58 -8.08
C MET C 97 -15.82 10.39 -7.30
N GLU C 98 -16.83 10.65 -6.46
CA GLU C 98 -17.49 9.60 -5.69
C GLU C 98 -18.09 8.53 -6.59
N VAL C 99 -18.80 8.94 -7.64
CA VAL C 99 -19.35 8.00 -8.61
C VAL C 99 -18.24 7.16 -9.29
N VAL C 100 -17.16 7.82 -9.69
CA VAL C 100 -16.04 7.11 -10.31
C VAL C 100 -15.47 6.01 -9.39
N LEU C 101 -15.33 6.33 -8.10
CA LEU C 101 -14.78 5.38 -7.14
C LEU C 101 -15.69 4.14 -6.95
N VAL C 102 -17.00 4.35 -7.06
CA VAL C 102 -17.95 3.23 -7.04
C VAL C 102 -17.85 2.42 -8.34
N ARG C 103 -17.86 3.11 -9.48
CA ARG C 103 -17.76 2.44 -10.80
C ARG C 103 -16.49 1.58 -10.93
N MET C 104 -15.44 1.97 -10.21
CA MET C 104 -14.18 1.21 -10.19
C MET C 104 -14.33 -0.28 -9.80
N CYS C 105 -15.28 -0.60 -8.92
CA CYS C 105 -15.45 -1.99 -8.48
C CYS C 105 -15.74 -2.97 -9.62
N ARG C 106 -16.34 -2.48 -10.70
CA ARG C 106 -16.58 -3.31 -11.90
C ARG C 106 -15.28 -3.72 -12.60
N ALA C 107 -14.29 -2.83 -12.53
CA ALA C 107 -12.97 -3.06 -13.14
C ALA C 107 -11.98 -3.61 -12.13
N TYR C 108 -12.49 -4.04 -10.98
CA TYR C 108 -11.67 -4.54 -9.88
C TYR C 108 -11.84 -6.06 -9.70
N ASN C 109 -10.72 -6.77 -9.66
CA ASN C 109 -10.73 -8.23 -9.46
C ASN C 109 -10.27 -8.56 -8.06
N ALA C 110 -11.21 -8.98 -7.21
CA ALA C 110 -10.96 -9.23 -5.79
C ALA C 110 -10.10 -10.47 -5.51
N ASP C 111 -10.04 -11.39 -6.47
CA ASP C 111 -9.26 -12.63 -6.33
C ASP C 111 -7.77 -12.34 -6.25
N ASN C 112 -7.32 -11.31 -6.96
CA ASN C 112 -5.91 -10.93 -6.97
C ASN C 112 -5.64 -9.46 -6.60
N ARG C 113 -6.70 -8.74 -6.23
CA ARG C 113 -6.64 -7.32 -5.84
C ARG C 113 -6.04 -6.45 -6.94
N THR C 114 -6.53 -6.61 -8.17
CA THR C 114 -6.06 -5.83 -9.32
C THR C 114 -7.16 -4.98 -9.92
N VAL C 115 -6.77 -3.91 -10.60
CA VAL C 115 -7.71 -3.02 -11.30
C VAL C 115 -7.29 -2.90 -12.76
N PHE C 116 -8.28 -2.81 -13.65
CA PHE C 116 -8.03 -2.60 -15.07
C PHE C 116 -7.54 -1.16 -15.29
N PHE C 117 -6.30 -1.05 -15.75
CA PHE C 117 -5.64 0.25 -15.87
C PHE C 117 -4.69 0.20 -17.06
N GLU C 118 -4.92 1.10 -18.03
CA GLU C 118 -4.10 1.22 -19.23
C GLU C 118 -3.94 -0.12 -19.98
N GLY C 119 -5.06 -0.81 -20.18
CA GLY C 119 -5.09 -2.00 -21.03
C GLY C 119 -4.89 -3.35 -20.36
N LYS C 120 -4.42 -3.35 -19.11
CA LYS C 120 -4.21 -4.59 -18.33
C LYS C 120 -4.60 -4.44 -16.85
N TYR C 121 -4.66 -5.58 -16.16
CA TYR C 121 -4.91 -5.60 -14.72
C TYR C 121 -3.61 -5.46 -13.91
N GLY C 122 -3.64 -4.61 -12.88
CA GLY C 122 -2.48 -4.45 -12.00
C GLY C 122 -2.88 -4.14 -10.57
N GLY C 123 -2.03 -4.55 -9.62
CA GLY C 123 -2.27 -4.29 -8.21
C GLY C 123 -1.95 -2.85 -7.83
N MET C 124 -2.18 -2.50 -6.57
CA MET C 124 -1.96 -1.13 -6.10
C MET C 124 -0.50 -0.68 -6.16
N GLU C 125 0.42 -1.64 -6.17
CA GLU C 125 1.86 -1.37 -6.28
C GLU C 125 2.24 -0.70 -7.61
N LEU C 126 1.37 -0.81 -8.61
CA LEU C 126 1.51 -0.09 -9.88
C LEU C 126 1.66 1.41 -9.70
N PHE C 127 1.02 1.94 -8.66
CA PHE C 127 0.84 3.38 -8.48
C PHE C 127 1.82 4.04 -7.50
N ARG C 128 2.91 3.33 -7.16
CA ARG C 128 3.91 3.82 -6.19
C ARG C 128 4.52 5.18 -6.55
N ALA C 129 4.74 5.43 -7.84
CA ALA C 129 5.37 6.68 -8.29
C ALA C 129 4.54 7.95 -8.02
N LEU C 130 3.22 7.77 -7.80
CA LEU C 130 2.36 8.90 -7.43
C LEU C 130 2.76 9.54 -6.11
N GLY C 131 3.37 8.74 -5.24
CA GLY C 131 3.76 9.19 -3.90
C GLY C 131 2.58 9.45 -2.99
N CYS C 132 1.52 8.67 -3.14
CA CYS C 132 0.36 8.77 -2.25
C CYS C 132 -0.19 7.37 -1.90
N SER C 133 0.66 6.57 -1.25
CA SER C 133 0.34 5.16 -1.07
C SER C 133 -0.84 4.92 -0.13
N GLU C 134 -0.99 5.78 0.88
CA GLU C 134 -2.13 5.69 1.79
C GLU C 134 -3.46 5.92 1.05
N LEU C 135 -3.49 6.91 0.17
CA LEU C 135 -4.68 7.19 -0.64
C LEU C 135 -5.01 6.04 -1.58
N ILE C 136 -4.00 5.52 -2.27
CA ILE C 136 -4.19 4.44 -3.23
C ILE C 136 -4.70 3.18 -2.53
N SER C 137 -4.04 2.82 -1.42
CA SER C 137 -4.44 1.65 -0.67
C SER C 137 -5.85 1.80 -0.09
N SER C 138 -6.22 3.01 0.31
CA SER C 138 -7.57 3.31 0.79
C SER C 138 -8.61 3.09 -0.29
N ILE C 139 -8.30 3.55 -1.51
CA ILE C 139 -9.18 3.34 -2.66
C ILE C 139 -9.33 1.85 -2.99
N PHE C 140 -8.23 1.12 -3.01
CA PHE C 140 -8.26 -0.33 -3.23
C PHE C 140 -9.09 -1.09 -2.19
N ASP C 141 -8.95 -0.72 -0.92
CA ASP C 141 -9.74 -1.29 0.17
C ASP C 141 -11.24 -1.00 0.02
N PHE C 142 -11.57 0.20 -0.45
CA PHE C 142 -12.95 0.58 -0.73
C PHE C 142 -13.54 -0.30 -1.86
N SER C 143 -12.76 -0.48 -2.92
CA SER C 143 -13.15 -1.36 -4.03
C SER C 143 -13.32 -2.80 -3.58
N HIS C 144 -12.42 -3.26 -2.70
CA HIS C 144 -12.50 -4.62 -2.16
C HIS C 144 -13.78 -4.84 -1.35
N SER C 145 -14.16 -3.86 -0.52
CA SER C 145 -15.38 -3.94 0.28
CA SER C 145 -15.38 -3.94 0.28
C SER C 145 -16.63 -4.02 -0.62
N LEU C 146 -16.67 -3.17 -1.65
CA LEU C 146 -17.77 -3.18 -2.62
C LEU C 146 -17.89 -4.52 -3.36
N SER C 147 -16.74 -5.09 -3.73
CA SER C 147 -16.70 -6.35 -4.48
C SER C 147 -17.36 -7.51 -3.72
N ALA C 148 -17.33 -7.44 -2.40
CA ALA C 148 -17.90 -8.47 -1.53
C ALA C 148 -19.43 -8.49 -1.58
N LEU C 149 -20.03 -7.43 -2.12
CA LEU C 149 -21.48 -7.30 -2.26
C LEU C 149 -21.99 -7.84 -3.59
N HIS C 150 -21.05 -8.11 -4.51
CA HIS C 150 -21.35 -8.61 -5.86
C HIS C 150 -22.50 -7.84 -6.54
N PHE C 151 -22.29 -6.53 -6.72
CA PHE C 151 -23.26 -5.66 -7.36
C PHE C 151 -23.59 -6.09 -8.79
N SER C 152 -24.88 -6.13 -9.10
CA SER C 152 -25.30 -6.34 -10.49
C SER C 152 -25.19 -4.99 -11.20
N GLU C 153 -25.29 -5.02 -12.53
CA GLU C 153 -25.23 -3.80 -13.33
C GLU C 153 -26.35 -2.83 -12.93
N ASP C 154 -27.54 -3.37 -12.67
CA ASP C 154 -28.70 -2.59 -12.23
C ASP C 154 -28.47 -1.94 -10.86
N GLU C 155 -27.88 -2.69 -9.93
CA GLU C 155 -27.60 -2.19 -8.58
C GLU C 155 -26.57 -1.05 -8.60
N ILE C 156 -25.54 -1.19 -9.43
CA ILE C 156 -24.53 -0.13 -9.60
C ILE C 156 -25.19 1.14 -10.15
N ALA C 157 -26.07 0.97 -11.13
CA ALA C 157 -26.82 2.06 -11.74
C ALA C 157 -27.58 2.89 -10.69
N LEU C 158 -28.34 2.18 -9.85
CA LEU C 158 -29.15 2.82 -8.81
C LEU C 158 -28.29 3.40 -7.68
N TYR C 159 -27.25 2.69 -7.29
CA TYR C 159 -26.38 3.16 -6.20
C TYR C 159 -25.63 4.43 -6.60
N THR C 160 -25.06 4.44 -7.80
CA THR C 160 -24.36 5.63 -8.29
C THR C 160 -25.33 6.81 -8.48
N ALA C 161 -26.58 6.52 -8.82
CA ALA C 161 -27.60 7.56 -8.92
C ALA C 161 -27.79 8.25 -7.56
N LEU C 162 -27.84 7.44 -6.50
CA LEU C 162 -28.01 7.94 -5.13
C LEU C 162 -26.77 8.68 -4.62
N VAL C 163 -25.60 8.18 -4.99
CA VAL C 163 -24.33 8.86 -4.69
C VAL C 163 -24.36 10.28 -5.25
N LEU C 164 -24.83 10.41 -6.49
CA LEU C 164 -24.93 11.71 -7.14
C LEU C 164 -26.04 12.59 -6.57
N ILE C 165 -27.25 12.05 -6.47
CA ILE C 165 -28.39 12.86 -6.01
C ILE C 165 -28.42 12.90 -4.48
N ASN C 166 -27.57 13.75 -3.93
CA ASN C 166 -27.38 13.89 -2.50
C ASN C 166 -27.87 15.28 -2.07
N ALA C 167 -28.99 15.31 -1.35
CA ALA C 167 -29.61 16.58 -0.95
C ALA C 167 -28.85 17.33 0.15
N HIS C 168 -27.82 16.68 0.70
CA HIS C 168 -27.02 17.26 1.79
C HIS C 168 -25.81 18.09 1.33
N ARG C 169 -25.57 18.17 0.02
CA ARG C 169 -24.45 18.94 -0.52
C ARG C 169 -24.64 20.44 -0.28
N PRO C 170 -23.67 21.11 0.36
CA PRO C 170 -23.75 22.55 0.61
C PRO C 170 -23.88 23.35 -0.69
N GLY C 171 -24.67 24.42 -0.66
CA GLY C 171 -24.79 25.33 -1.79
C GLY C 171 -25.99 25.09 -2.69
N LEU C 172 -26.81 24.10 -2.34
CA LEU C 172 -28.00 23.77 -3.13
C LEU C 172 -29.04 24.88 -3.04
N GLN C 173 -29.63 25.20 -4.19
CA GLN C 173 -30.56 26.32 -4.30
C GLN C 173 -32.01 25.85 -4.16
N GLU C 174 -32.30 24.70 -4.75
CA GLU C 174 -33.63 24.10 -4.66
C GLU C 174 -33.55 22.77 -3.91
N LYS C 175 -33.13 22.85 -2.65
CA LYS C 175 -32.88 21.65 -1.82
C LYS C 175 -34.06 20.67 -1.81
N ARG C 176 -35.28 21.21 -1.71
CA ARG C 176 -36.49 20.39 -1.64
C ARG C 176 -36.69 19.56 -2.90
N LYS C 177 -36.31 20.12 -4.04
CA LYS C 177 -36.39 19.41 -5.33
C LYS C 177 -35.42 18.24 -5.36
N VAL C 178 -34.22 18.44 -4.81
CA VAL C 178 -33.21 17.37 -4.71
C VAL C 178 -33.66 16.28 -3.74
N GLU C 179 -34.24 16.70 -2.61
CA GLU C 179 -34.78 15.80 -1.59
C GLU C 179 -35.80 14.82 -2.18
N GLN C 180 -36.70 15.33 -3.02
CA GLN C 180 -37.76 14.54 -3.64
C GLN C 180 -37.20 13.51 -4.63
N LEU C 181 -36.23 13.94 -5.44
CA LEU C 181 -35.57 13.03 -6.37
C LEU C 181 -34.73 11.99 -5.65
N GLN C 182 -34.06 12.40 -4.56
CA GLN C 182 -33.27 11.49 -3.73
C GLN C 182 -34.16 10.39 -3.13
N TYR C 183 -35.28 10.78 -2.54
CA TYR C 183 -36.19 9.83 -1.91
C TYR C 183 -36.76 8.82 -2.91
N ASN C 184 -37.19 9.30 -4.06
CA ASN C 184 -37.71 8.43 -5.11
C ASN C 184 -36.67 7.42 -5.60
N LEU C 185 -35.40 7.85 -5.60
CA LEU C 185 -34.30 6.95 -5.91
C LEU C 185 -34.07 5.89 -4.83
N GLU C 186 -34.19 6.29 -3.57
CA GLU C 186 -34.12 5.36 -2.44
C GLU C 186 -35.24 4.31 -2.54
N LEU C 187 -36.46 4.77 -2.85
CA LEU C 187 -37.58 3.86 -3.08
C LEU C 187 -37.31 2.92 -4.25
N ALA C 188 -36.84 3.49 -5.36
CA ALA C 188 -36.50 2.72 -6.55
C ALA C 188 -35.45 1.66 -6.26
N PHE C 189 -34.47 2.02 -5.43
CA PHE C 189 -33.40 1.12 -5.02
C PHE C 189 -33.93 0.00 -4.13
N HIS C 190 -34.74 0.36 -3.14
CA HIS C 190 -35.32 -0.60 -2.21
C HIS C 190 -36.22 -1.60 -2.93
N HIS C 191 -37.07 -1.09 -3.82
CA HIS C 191 -37.99 -1.92 -4.60
C HIS C 191 -37.24 -2.95 -5.44
N HIS C 192 -36.21 -2.50 -6.14
CA HIS C 192 -35.42 -3.37 -7.02
C HIS C 192 -34.71 -4.48 -6.24
N LEU C 193 -34.21 -4.15 -5.05
CA LEU C 193 -33.52 -5.14 -4.22
C LEU C 193 -34.47 -6.23 -3.70
N SER C 194 -35.67 -5.85 -3.30
CA SER C 194 -36.69 -6.79 -2.81
C SER C 194 -37.19 -7.75 -3.90
N LYS C 195 -37.18 -7.27 -5.15
CA LYS C 195 -37.49 -8.11 -6.32
C LYS C 195 -36.59 -9.34 -6.40
N THR C 196 -35.38 -9.23 -5.85
CA THR C 196 -34.47 -10.38 -5.71
C THR C 196 -34.10 -10.62 -4.25
N HIS C 197 -35.01 -10.22 -3.34
CA HIS C 197 -34.78 -10.19 -1.89
C HIS C 197 -33.34 -9.85 -1.46
N ARG C 198 -32.70 -8.99 -2.26
CA ARG C 198 -31.32 -8.58 -2.07
C ARG C 198 -31.21 -7.38 -1.13
N GLN C 199 -32.27 -7.13 -0.36
CA GLN C 199 -32.32 -5.98 0.57
C GLN C 199 -31.32 -6.10 1.73
N SER C 200 -30.66 -7.25 1.84
CA SER C 200 -29.66 -7.48 2.88
C SER C 200 -28.40 -6.64 2.70
N ILE C 201 -28.08 -6.29 1.45
CA ILE C 201 -26.89 -5.48 1.15
C ILE C 201 -27.02 -4.01 1.56
N LEU C 202 -28.25 -3.57 1.84
CA LEU C 202 -28.51 -2.21 2.31
C LEU C 202 -27.69 -1.87 3.55
N ALA C 203 -27.67 -2.79 4.51
CA ALA C 203 -26.91 -2.64 5.75
C ALA C 203 -25.40 -2.83 5.54
N LYS C 204 -25.04 -3.42 4.40
CA LYS C 204 -23.65 -3.73 4.10
C LYS C 204 -22.96 -2.64 3.25
N LEU C 205 -23.71 -1.60 2.90
CA LEU C 205 -23.18 -0.47 2.13
C LEU C 205 -22.24 0.37 3.01
N PRO C 206 -21.13 0.87 2.42
CA PRO C 206 -20.22 1.74 3.19
C PRO C 206 -20.91 3.03 3.63
N PRO C 207 -20.57 3.52 4.85
CA PRO C 207 -21.10 4.80 5.35
C PRO C 207 -20.58 5.98 4.52
N LYS C 208 -21.39 7.04 4.42
CA LYS C 208 -21.10 8.20 3.55
C LYS C 208 -19.75 8.86 3.80
N GLY C 209 -19.30 8.80 5.06
CA GLY C 209 -18.02 9.38 5.48
C GLY C 209 -16.83 8.82 4.71
N LYS C 210 -16.89 7.53 4.36
CA LYS C 210 -15.82 6.86 3.65
C LYS C 210 -15.54 7.47 2.28
N LEU C 211 -16.58 7.65 1.47
CA LEU C 211 -16.44 8.25 0.14
C LEU C 211 -15.94 9.69 0.20
N ARG C 212 -16.50 10.47 1.15
CA ARG C 212 -16.05 11.83 1.41
C ARG C 212 -14.58 11.86 1.79
N SER C 213 -14.19 10.94 2.66
CA SER C 213 -12.81 10.82 3.10
C SER C 213 -11.87 10.53 1.92
N LEU C 214 -12.29 9.65 1.01
CA LEU C 214 -11.47 9.33 -0.16
C LEU C 214 -11.30 10.57 -1.06
N CYS C 215 -12.38 11.33 -1.21
CA CYS C 215 -12.37 12.54 -2.03
C CYS C 215 -11.51 13.66 -1.43
N SER C 216 -11.62 13.85 -0.12
CA SER C 216 -10.76 14.79 0.62
C SER C 216 -9.28 14.43 0.51
N GLN C 217 -8.94 13.16 0.74
CA GLN C 217 -7.57 12.69 0.59
C GLN C 217 -7.03 13.00 -0.81
N HIS C 218 -7.86 12.78 -1.82
CA HIS C 218 -7.47 13.03 -3.22
C HIS C 218 -7.14 14.50 -3.46
N VAL C 219 -8.02 15.39 -3.00
CA VAL C 219 -7.79 16.84 -3.15
C VAL C 219 -6.51 17.26 -2.42
N GLU C 220 -6.30 16.72 -1.22
CA GLU C 220 -5.12 17.01 -0.42
C GLU C 220 -3.82 16.57 -1.09
N ARG C 221 -3.81 15.35 -1.62
CA ARG C 221 -2.62 14.84 -2.31
C ARG C 221 -2.29 15.64 -3.57
N LEU C 222 -3.32 16.10 -4.27
CA LEU C 222 -3.13 16.98 -5.42
C LEU C 222 -2.46 18.30 -5.01
N GLN C 223 -2.85 18.83 -3.86
CA GLN C 223 -2.20 20.03 -3.31
C GLN C 223 -0.70 19.82 -3.17
N ILE C 224 -0.32 18.67 -2.58
CA ILE C 224 1.09 18.31 -2.39
C ILE C 224 1.81 18.16 -3.74
N PHE C 225 1.16 17.51 -4.70
CA PHE C 225 1.72 17.39 -6.05
C PHE C 225 1.88 18.75 -6.75
N GLN C 226 0.86 19.60 -6.67
CA GLN C 226 0.87 20.92 -7.33
C GLN C 226 2.03 21.79 -6.86
N HIS C 227 2.39 21.66 -5.57
CA HIS C 227 3.57 22.33 -5.04
C HIS C 227 4.89 21.88 -5.70
N LEU C 228 5.01 20.58 -5.89
CA LEU C 228 6.22 20.00 -6.47
C LEU C 228 6.32 20.27 -7.98
N HIS C 229 5.18 20.30 -8.65
CA HIS C 229 5.15 20.42 -10.11
C HIS C 229 4.04 21.35 -10.59
N PRO C 230 4.13 22.66 -10.27
CA PRO C 230 3.06 23.60 -10.61
C PRO C 230 2.91 23.82 -12.13
N ILE C 231 4.02 23.80 -12.86
CA ILE C 231 3.99 23.99 -14.31
C ILE C 231 3.29 22.83 -15.02
N VAL C 232 3.61 21.60 -14.63
CA VAL C 232 3.01 20.42 -15.24
C VAL C 232 1.47 20.48 -15.19
N VAL C 233 0.93 20.89 -14.05
CA VAL C 233 -0.52 21.00 -13.87
C VAL C 233 -1.13 22.02 -14.83
N GLN C 234 -0.54 23.20 -14.89
CA GLN C 234 -0.97 24.27 -15.80
C GLN C 234 -0.88 23.86 -17.27
N ALA C 235 0.19 23.15 -17.62
CA ALA C 235 0.53 22.88 -19.02
C ALA C 235 -0.16 21.65 -19.58
N ALA C 236 -0.32 20.60 -18.78
CA ALA C 236 -0.64 19.29 -19.31
C ALA C 236 -1.90 18.61 -18.76
N PHE C 237 -2.39 19.07 -17.60
CA PHE C 237 -3.55 18.47 -16.97
C PHE C 237 -4.84 18.96 -17.64
N PRO C 238 -5.85 18.09 -17.75
CA PRO C 238 -7.08 18.55 -18.41
C PRO C 238 -7.74 19.66 -17.58
N PRO C 239 -8.23 20.71 -18.26
CA PRO C 239 -8.87 21.85 -17.60
C PRO C 239 -10.03 21.45 -16.67
N LEU C 240 -10.80 20.44 -17.05
CA LEU C 240 -11.89 19.95 -16.19
C LEU C 240 -11.39 19.36 -14.87
N TYR C 241 -10.29 18.61 -14.93
CA TYR C 241 -9.63 18.06 -13.73
C TYR C 241 -9.22 19.18 -12.77
N LYS C 242 -8.55 20.20 -13.30
CA LYS C 242 -8.15 21.36 -12.53
C LYS C 242 -9.37 22.06 -11.88
N GLU C 243 -10.43 22.26 -12.66
CA GLU C 243 -11.64 22.89 -12.16
C GLU C 243 -12.28 22.12 -10.99
N LEU C 244 -12.33 20.80 -11.12
CA LEU C 244 -12.94 19.95 -10.10
C LEU C 244 -12.08 19.77 -8.83
N PHE C 245 -10.76 19.70 -9.00
CA PHE C 245 -9.90 19.23 -7.90
C PHE C 245 -8.81 20.19 -7.37
N SER C 246 -8.42 21.17 -8.17
CA SER C 246 -7.36 22.11 -7.78
C SER C 246 -7.84 23.05 -6.68
N THR C 247 -6.96 23.31 -5.72
CA THR C 247 -7.28 24.23 -4.62
C THR C 247 -6.69 25.61 -4.90
N TYR D 3 33.86 28.08 -36.38
CA TYR D 3 34.76 27.13 -37.10
C TYR D 3 35.20 26.01 -36.13
N ALA D 4 34.24 25.15 -35.77
CA ALA D 4 34.44 24.14 -34.74
C ALA D 4 35.53 23.13 -35.10
N SER D 5 36.42 22.88 -34.15
CA SER D 5 37.46 21.86 -34.29
C SER D 5 36.88 20.47 -34.12
N LEU D 6 37.69 19.44 -34.41
CA LEU D 6 37.28 18.05 -34.21
C LEU D 6 36.95 17.73 -32.75
N THR D 7 37.67 18.38 -31.83
CA THR D 7 37.42 18.24 -30.38
C THR D 7 36.03 18.77 -30.02
N GLU D 8 35.68 19.95 -30.54
CA GLU D 8 34.40 20.59 -30.26
C GLU D 8 33.22 19.85 -30.88
N ILE D 9 33.41 19.33 -32.08
CA ILE D 9 32.39 18.52 -32.76
C ILE D 9 32.12 17.21 -32.00
N GLU D 10 33.19 16.53 -31.58
CA GLU D 10 33.07 15.32 -30.75
C GLU D 10 32.45 15.61 -29.38
N HIS D 11 32.68 16.82 -28.86
CA HIS D 11 32.04 17.27 -27.63
C HIS D 11 30.55 17.55 -27.83
N LEU D 12 30.20 18.03 -29.03
CA LEU D 12 28.81 18.23 -29.40
C LEU D 12 28.07 16.89 -29.44
N VAL D 13 28.69 15.88 -30.06
CA VAL D 13 28.15 14.51 -30.09
C VAL D 13 27.82 14.01 -28.66
N GLN D 14 28.78 14.14 -27.76
CA GLN D 14 28.63 13.72 -26.35
C GLN D 14 27.51 14.46 -25.62
N SER D 15 27.46 15.79 -25.77
CA SER D 15 26.40 16.61 -25.19
C SER D 15 25.02 16.17 -25.70
N VAL D 16 24.95 15.90 -27.00
CA VAL D 16 23.69 15.53 -27.65
C VAL D 16 23.21 14.15 -27.19
N CYS D 17 24.12 13.17 -27.24
CA CYS D 17 23.79 11.79 -26.85
C CYS D 17 23.39 11.66 -25.38
N LYS D 18 24.03 12.44 -24.51
CA LYS D 18 23.69 12.47 -23.09
C LYS D 18 22.28 13.01 -22.87
N SER D 19 21.98 14.17 -23.46
CA SER D 19 20.66 14.80 -23.41
CA SER D 19 20.66 14.78 -23.38
C SER D 19 19.57 13.83 -23.83
N TYR D 20 19.80 13.13 -24.95
CA TYR D 20 18.84 12.15 -25.43
C TYR D 20 18.67 10.97 -24.46
N ARG D 21 19.78 10.43 -23.96
CA ARG D 21 19.73 9.34 -22.98
C ARG D 21 18.84 9.68 -21.80
N GLU D 22 18.94 10.93 -21.34
CA GLU D 22 18.23 11.38 -20.16
C GLU D 22 16.75 11.69 -20.41
N THR D 23 16.34 11.76 -21.69
CA THR D 23 14.99 12.21 -22.06
C THR D 23 14.28 11.36 -23.12
N CYS D 24 14.81 10.17 -23.41
CA CYS D 24 14.25 9.30 -24.45
C CYS D 24 12.87 8.70 -24.12
N GLN D 25 12.36 8.98 -22.92
CA GLN D 25 11.00 8.57 -22.51
C GLN D 25 10.89 7.09 -22.13
N LEU D 26 11.21 6.20 -23.07
CA LEU D 26 11.29 4.76 -22.81
C LEU D 26 12.64 4.19 -23.26
N ARG D 27 13.12 3.17 -22.55
CA ARG D 27 14.36 2.48 -22.90
C ARG D 27 14.11 1.58 -24.12
N LEU D 28 15.05 1.54 -25.04
CA LEU D 28 14.91 0.75 -26.27
C LEU D 28 14.65 -0.73 -25.99
N GLU D 29 15.41 -1.31 -25.07
CA GLU D 29 15.30 -2.74 -24.72
C GLU D 29 13.87 -3.11 -24.30
N ASP D 30 13.20 -2.21 -23.59
CA ASP D 30 11.81 -2.42 -23.18
C ASP D 30 10.85 -2.35 -24.37
N LEU D 31 11.11 -1.45 -25.31
CA LEU D 31 10.32 -1.37 -26.53
C LEU D 31 10.49 -2.63 -27.39
N LEU D 32 11.71 -3.18 -27.37
CA LEU D 32 12.01 -4.40 -28.12
C LEU D 32 11.37 -5.65 -27.49
N ARG D 33 11.45 -5.76 -26.16
CA ARG D 33 10.84 -6.89 -25.43
C ARG D 33 9.33 -6.98 -25.67
N GLN D 34 8.70 -5.84 -25.87
CA GLN D 34 7.25 -5.74 -26.02
C GLN D 34 6.74 -6.07 -27.43
N ARG D 35 7.65 -6.35 -28.36
CA ARG D 35 7.29 -6.60 -29.76
C ARG D 35 6.32 -7.78 -29.97
N SER D 36 6.42 -8.80 -29.12
CA SER D 36 5.57 -9.99 -29.21
C SER D 36 4.18 -9.76 -28.61
N ASN D 37 4.03 -8.69 -27.85
CA ASN D 37 2.75 -8.29 -27.27
CA ASN D 37 2.74 -8.31 -27.27
C ASN D 37 1.95 -7.43 -28.24
N ILE D 38 1.02 -8.07 -28.96
CA ILE D 38 0.24 -7.43 -30.01
C ILE D 38 -1.26 -7.42 -29.68
N PHE D 39 -1.95 -6.33 -30.01
CA PHE D 39 -3.40 -6.24 -29.84
C PHE D 39 -4.11 -7.34 -30.64
N SER D 40 -5.10 -7.97 -30.01
CA SER D 40 -5.93 -8.97 -30.66
C SER D 40 -6.93 -8.29 -31.60
N ARG D 41 -7.56 -9.10 -32.46
CA ARG D 41 -8.59 -8.61 -33.39
C ARG D 41 -9.77 -7.94 -32.67
N GLU D 42 -10.16 -8.51 -31.53
CA GLU D 42 -11.29 -8.01 -30.72
C GLU D 42 -10.92 -6.67 -30.07
N GLU D 43 -9.68 -6.57 -29.60
CA GLU D 43 -9.15 -5.32 -29.04
C GLU D 43 -9.07 -4.22 -30.11
N VAL D 44 -8.65 -4.59 -31.32
CA VAL D 44 -8.60 -3.67 -32.46
C VAL D 44 -10.00 -3.19 -32.79
N THR D 45 -10.95 -4.13 -32.87
CA THR D 45 -12.37 -3.82 -33.04
C THR D 45 -12.85 -2.87 -31.94
N GLY D 46 -12.42 -3.13 -30.71
CA GLY D 46 -12.71 -2.26 -29.57
C GLY D 46 -12.31 -0.82 -29.83
N TYR D 47 -11.07 -0.61 -30.28
CA TYR D 47 -10.57 0.73 -30.62
C TYR D 47 -11.32 1.38 -31.77
N GLN D 48 -11.64 0.57 -32.79
CA GLN D 48 -12.33 1.08 -33.98
C GLN D 48 -13.75 1.54 -33.65
N ARG D 49 -14.34 0.96 -32.60
CA ARG D 49 -15.68 1.30 -32.15
C ARG D 49 -15.73 2.48 -31.16
N LYS D 50 -14.56 2.87 -30.64
CA LYS D 50 -14.46 4.05 -29.77
C LYS D 50 -14.93 5.31 -30.48
N SER D 51 -15.54 6.22 -29.73
CA SER D 51 -15.98 7.50 -30.29
C SER D 51 -14.79 8.31 -30.80
N MET D 52 -15.07 9.20 -31.75
CA MET D 52 -14.04 10.09 -32.29
C MET D 52 -13.44 10.98 -31.20
N TRP D 53 -14.28 11.53 -30.33
CA TRP D 53 -13.81 12.38 -29.23
C TRP D 53 -12.88 11.63 -28.27
N GLU D 54 -13.25 10.40 -27.90
CA GLU D 54 -12.43 9.62 -26.96
C GLU D 54 -11.06 9.28 -27.54
N MET D 55 -11.04 8.82 -28.79
CA MET D 55 -9.78 8.47 -29.44
C MET D 55 -8.87 9.69 -29.66
N TRP D 56 -9.46 10.83 -30.01
CA TRP D 56 -8.68 12.06 -30.14
C TRP D 56 -8.15 12.55 -28.79
N GLU D 57 -8.98 12.46 -27.76
CA GLU D 57 -8.57 12.80 -26.40
C GLU D 57 -7.38 11.96 -25.93
N ARG D 58 -7.47 10.64 -26.14
CA ARG D 58 -6.38 9.72 -25.79
C ARG D 58 -5.09 10.08 -26.50
N CYS D 59 -5.16 10.25 -27.82
CA CYS D 59 -3.98 10.54 -28.62
C CYS D 59 -3.37 11.91 -28.30
N ALA D 60 -4.22 12.90 -28.03
CA ALA D 60 -3.77 14.23 -27.62
C ALA D 60 -2.95 14.18 -26.33
N HIS D 61 -3.43 13.38 -25.36
CA HIS D 61 -2.70 13.15 -24.11
C HIS D 61 -1.34 12.50 -24.36
N HIS D 62 -1.34 11.39 -25.10
CA HIS D 62 -0.09 10.67 -25.39
C HIS D 62 0.91 11.53 -26.15
N LEU D 63 0.42 12.28 -27.14
CA LEU D 63 1.28 13.19 -27.90
C LEU D 63 1.88 14.27 -27.00
N THR D 64 1.07 14.82 -26.09
CA THR D 64 1.53 15.87 -25.17
C THR D 64 2.65 15.34 -24.26
N GLU D 65 2.45 14.15 -23.70
CA GLU D 65 3.48 13.48 -22.89
C GLU D 65 4.79 13.34 -23.66
N ALA D 66 4.70 12.82 -24.88
CA ALA D 66 5.86 12.67 -25.76
C ALA D 66 6.56 14.02 -26.00
N ILE D 67 5.75 15.04 -26.27
CA ILE D 67 6.25 16.40 -26.50
C ILE D 67 6.95 16.98 -25.27
N GLN D 68 6.43 16.65 -24.09
CA GLN D 68 7.04 17.09 -22.84
C GLN D 68 8.49 16.61 -22.70
N TYR D 69 8.75 15.38 -23.13
CA TYR D 69 10.11 14.82 -23.14
C TYR D 69 11.00 15.49 -24.19
N VAL D 70 10.42 15.89 -25.32
CA VAL D 70 11.14 16.68 -26.32
C VAL D 70 11.56 18.05 -25.75
N VAL D 71 10.67 18.69 -24.99
CA VAL D 71 11.00 19.97 -24.35
C VAL D 71 12.18 19.78 -23.38
N GLU D 72 12.17 18.67 -22.64
CA GLU D 72 13.26 18.38 -21.71
C GLU D 72 14.57 18.09 -22.43
N PHE D 73 14.48 17.42 -23.58
CA PHE D 73 15.61 17.19 -24.49
C PHE D 73 16.27 18.52 -24.86
N ALA D 74 15.45 19.44 -25.36
CA ALA D 74 15.88 20.80 -25.71
C ALA D 74 16.57 21.53 -24.54
N LYS D 75 15.96 21.45 -23.36
CA LYS D 75 16.47 22.13 -22.17
C LYS D 75 17.83 21.60 -21.70
N ARG D 76 18.11 20.33 -21.96
CA ARG D 76 19.39 19.72 -21.57
C ARG D 76 20.46 19.89 -22.65
N LEU D 77 20.04 20.42 -23.80
CA LEU D 77 20.90 20.59 -24.96
C LEU D 77 21.54 21.99 -24.90
N SER D 78 22.79 22.03 -24.42
CA SER D 78 23.50 23.30 -24.15
C SER D 78 23.46 24.31 -25.30
N GLY D 79 23.69 23.83 -26.53
CA GLY D 79 23.61 24.66 -27.73
C GLY D 79 22.25 25.32 -27.94
N PHE D 80 21.18 24.62 -27.61
CA PHE D 80 19.81 25.17 -27.69
C PHE D 80 19.58 26.26 -26.65
N MET D 81 20.03 26.00 -25.42
CA MET D 81 19.79 26.95 -24.33
C MET D 81 20.60 28.24 -24.45
N GLU D 82 21.59 28.24 -25.35
CA GLU D 82 22.35 29.45 -25.67
C GLU D 82 21.60 30.38 -26.63
N LEU D 83 20.63 29.85 -27.36
CA LEU D 83 19.84 30.63 -28.29
C LEU D 83 18.91 31.59 -27.55
N CYS D 84 18.55 32.70 -28.17
CA CYS D 84 17.68 33.69 -27.53
C CYS D 84 16.30 33.09 -27.28
N GLN D 85 15.55 33.72 -26.37
CA GLN D 85 14.22 33.25 -26.00
C GLN D 85 13.29 33.04 -27.19
N ASN D 86 13.20 34.03 -28.07
CA ASN D 86 12.35 33.96 -29.26
C ASN D 86 12.65 32.73 -30.12
N ASP D 87 13.93 32.48 -30.38
CA ASP D 87 14.33 31.37 -31.22
C ASP D 87 14.06 30.02 -30.56
N GLN D 88 14.25 29.95 -29.24
CA GLN D 88 13.88 28.76 -28.47
C GLN D 88 12.40 28.41 -28.71
N ILE D 89 11.53 29.41 -28.55
CA ILE D 89 10.10 29.26 -28.78
C ILE D 89 9.79 28.82 -30.20
N VAL D 90 10.31 29.55 -31.19
CA VAL D 90 10.05 29.27 -32.60
C VAL D 90 10.45 27.84 -32.95
N LEU D 91 11.66 27.44 -32.56
CA LEU D 91 12.16 26.10 -32.90
C LEU D 91 11.35 24.97 -32.25
N LEU D 92 11.04 25.13 -30.96
CA LEU D 92 10.23 24.12 -30.28
C LEU D 92 8.79 24.07 -30.78
N LYS D 93 8.18 25.23 -31.01
CA LYS D 93 6.80 25.27 -31.50
C LYS D 93 6.64 24.53 -32.83
N ALA D 94 7.60 24.72 -33.74
CA ALA D 94 7.56 24.08 -35.05
C ALA D 94 8.11 22.66 -35.04
N GLY D 95 9.08 22.40 -34.15
CA GLY D 95 9.85 21.14 -34.18
C GLY D 95 9.43 20.02 -33.24
N ALA D 96 8.69 20.34 -32.17
CA ALA D 96 8.33 19.33 -31.18
C ALA D 96 7.66 18.10 -31.81
N MET D 97 6.68 18.35 -32.67
CA MET D 97 5.95 17.28 -33.36
C MET D 97 6.88 16.46 -34.27
N GLU D 98 7.77 17.16 -34.98
CA GLU D 98 8.74 16.51 -35.86
C GLU D 98 9.65 15.56 -35.08
N VAL D 99 10.15 16.02 -33.93
CA VAL D 99 10.99 15.16 -33.08
C VAL D 99 10.23 13.89 -32.65
N VAL D 100 8.97 14.03 -32.25
CA VAL D 100 8.17 12.88 -31.80
C VAL D 100 8.00 11.84 -32.92
N LEU D 101 7.69 12.32 -34.12
CA LEU D 101 7.58 11.48 -35.32
C LEU D 101 8.86 10.69 -35.63
N VAL D 102 10.02 11.27 -35.33
CA VAL D 102 11.27 10.53 -35.50
C VAL D 102 11.47 9.53 -34.35
N ARG D 103 11.19 9.98 -33.12
CA ARG D 103 11.30 9.15 -31.92
C ARG D 103 10.43 7.89 -32.04
N MET D 104 9.34 8.03 -32.77
CA MET D 104 8.37 6.93 -32.98
C MET D 104 9.01 5.68 -33.60
N CYS D 105 10.03 5.86 -34.45
CA CYS D 105 10.64 4.71 -35.14
C CYS D 105 11.20 3.65 -34.18
N ARG D 106 11.58 4.07 -32.97
CA ARG D 106 12.05 3.15 -31.93
C ARG D 106 10.96 2.21 -31.46
N ALA D 107 9.72 2.71 -31.44
CA ALA D 107 8.56 1.94 -31.03
C ALA D 107 7.82 1.36 -32.24
N TYR D 108 8.48 1.37 -33.40
CA TYR D 108 7.90 0.85 -34.64
C TYR D 108 8.56 -0.46 -35.05
N ASN D 109 7.73 -1.49 -35.28
CA ASN D 109 8.19 -2.80 -35.74
C ASN D 109 7.95 -2.95 -37.24
N ALA D 110 9.03 -2.81 -38.02
CA ALA D 110 8.96 -2.86 -39.49
C ALA D 110 8.41 -4.18 -40.05
N ASP D 111 8.64 -5.27 -39.31
CA ASP D 111 8.27 -6.63 -39.76
C ASP D 111 6.77 -6.81 -39.94
N ASN D 112 5.98 -6.20 -39.07
CA ASN D 112 4.52 -6.33 -39.09
C ASN D 112 3.79 -4.99 -39.14
N ARG D 113 4.55 -3.90 -39.31
CA ARG D 113 3.99 -2.54 -39.44
C ARG D 113 3.10 -2.14 -38.26
N THR D 114 3.58 -2.40 -37.06
CA THR D 114 2.86 -2.03 -35.83
C THR D 114 3.64 -1.01 -35.00
N VAL D 115 2.92 -0.24 -34.18
CA VAL D 115 3.53 0.70 -33.26
C VAL D 115 3.13 0.38 -31.81
N PHE D 116 4.03 0.67 -30.87
CA PHE D 116 3.71 0.52 -29.47
C PHE D 116 2.77 1.64 -29.02
N PHE D 117 1.55 1.25 -28.65
CA PHE D 117 0.48 2.21 -28.32
C PHE D 117 -0.37 1.67 -27.19
N GLU D 118 -0.46 2.43 -26.10
CA GLU D 118 -1.25 2.07 -24.91
C GLU D 118 -1.04 0.61 -24.46
N GLY D 119 0.22 0.22 -24.30
CA GLY D 119 0.57 -1.07 -23.68
C GLY D 119 0.90 -2.23 -24.60
N LYS D 120 0.52 -2.11 -25.88
CA LYS D 120 0.75 -3.17 -26.87
C LYS D 120 1.12 -2.60 -28.24
N TYR D 121 1.57 -3.48 -29.15
CA TYR D 121 1.83 -3.11 -30.54
C TYR D 121 0.57 -3.29 -31.39
N GLY D 122 0.32 -2.34 -32.27
CA GLY D 122 -0.84 -2.40 -33.17
C GLY D 122 -0.62 -1.63 -34.46
N GLY D 123 -1.30 -2.05 -35.51
CA GLY D 123 -1.17 -1.44 -36.83
C GLY D 123 -1.99 -0.16 -36.96
N MET D 124 -1.89 0.49 -38.11
CA MET D 124 -2.59 1.75 -38.36
C MET D 124 -4.12 1.65 -38.21
N GLU D 125 -4.64 0.44 -38.38
CA GLU D 125 -6.06 0.11 -38.24
C GLU D 125 -6.64 0.48 -36.86
N LEU D 126 -5.80 0.42 -35.82
CA LEU D 126 -6.19 0.84 -34.47
C LEU D 126 -6.78 2.25 -34.44
N PHE D 127 -6.28 3.12 -35.31
CA PHE D 127 -6.52 4.56 -35.23
C PHE D 127 -7.68 5.04 -36.10
N ARG D 128 -8.44 4.08 -36.61
CA ARG D 128 -9.57 4.32 -37.54
C ARG D 128 -10.57 5.37 -37.06
N ALA D 129 -10.88 5.36 -35.75
CA ALA D 129 -11.89 6.27 -35.19
C ALA D 129 -11.50 7.76 -35.20
N LEU D 130 -10.20 8.04 -35.39
CA LEU D 130 -9.72 9.41 -35.53
C LEU D 130 -10.28 10.10 -36.78
N GLY D 131 -10.50 9.32 -37.83
CA GLY D 131 -11.02 9.87 -39.10
C GLY D 131 -9.99 10.71 -39.84
N CYS D 132 -8.75 10.24 -39.84
CA CYS D 132 -7.65 10.85 -40.59
C CYS D 132 -6.63 9.76 -40.99
N SER D 133 -7.14 8.70 -41.62
CA SER D 133 -6.35 7.51 -41.92
C SER D 133 -5.20 7.79 -42.89
N GLU D 134 -5.40 8.78 -43.73
CA GLU D 134 -4.41 9.22 -44.70
C GLU D 134 -3.19 9.82 -43.98
N LEU D 135 -3.46 10.61 -42.93
CA LEU D 135 -2.38 11.15 -42.09
C LEU D 135 -1.69 10.02 -41.33
N ILE D 136 -2.48 9.10 -40.79
CA ILE D 136 -1.96 7.96 -40.00
C ILE D 136 -1.06 7.05 -40.83
N SER D 137 -1.50 6.72 -42.04
CA SER D 137 -0.73 5.85 -42.94
CA SER D 137 -0.74 5.86 -42.94
C SER D 137 0.60 6.47 -43.33
N SER D 138 0.59 7.79 -43.59
CA SER D 138 1.80 8.55 -43.91
C SER D 138 2.81 8.59 -42.76
N ILE D 139 2.29 8.65 -41.53
CA ILE D 139 3.12 8.64 -40.33
C ILE D 139 3.78 7.26 -40.17
N PHE D 140 3.01 6.20 -40.42
CA PHE D 140 3.55 4.84 -40.43
C PHE D 140 4.58 4.67 -41.55
N ASP D 141 4.30 5.27 -42.72
CA ASP D 141 5.24 5.28 -43.84
C ASP D 141 6.57 5.92 -43.46
N PHE D 142 6.50 7.03 -42.72
CA PHE D 142 7.68 7.73 -42.25
C PHE D 142 8.56 6.86 -41.36
N SER D 143 7.96 6.29 -40.31
CA SER D 143 8.67 5.36 -39.41
C SER D 143 9.27 4.18 -40.18
N HIS D 144 8.57 3.71 -41.20
CA HIS D 144 9.07 2.61 -42.02
C HIS D 144 10.33 3.04 -42.77
N SER D 145 10.30 4.24 -43.34
CA SER D 145 11.46 4.83 -44.00
C SER D 145 12.67 4.87 -43.07
N LEU D 146 12.43 5.27 -41.81
CA LEU D 146 13.52 5.39 -40.83
C LEU D 146 14.05 4.04 -40.34
N SER D 147 13.17 3.03 -40.26
CA SER D 147 13.55 1.69 -39.83
C SER D 147 14.61 1.05 -40.74
N ALA D 148 14.56 1.37 -42.04
CA ALA D 148 15.52 0.85 -43.02
C ALA D 148 16.93 1.40 -42.81
N LEU D 149 17.02 2.57 -42.17
CA LEU D 149 18.31 3.22 -41.93
C LEU D 149 19.05 2.65 -40.71
N HIS D 150 18.35 1.81 -39.93
CA HIS D 150 18.91 1.13 -38.76
C HIS D 150 19.71 2.04 -37.84
N PHE D 151 19.07 3.10 -37.34
CA PHE D 151 19.72 4.04 -36.43
C PHE D 151 20.05 3.38 -35.10
N SER D 152 21.24 3.68 -34.59
CA SER D 152 21.55 3.39 -33.20
C SER D 152 20.92 4.46 -32.32
N GLU D 153 21.00 4.28 -31.00
CA GLU D 153 20.48 5.27 -30.06
C GLU D 153 21.20 6.61 -30.20
N ASP D 154 22.52 6.56 -30.35
CA ASP D 154 23.31 7.77 -30.57
C ASP D 154 22.92 8.48 -31.86
N GLU D 155 22.57 7.71 -32.88
CA GLU D 155 22.22 8.28 -34.17
C GLU D 155 20.85 8.96 -34.15
N ILE D 156 19.91 8.39 -33.39
CA ILE D 156 18.61 9.03 -33.17
C ILE D 156 18.80 10.34 -32.41
N ALA D 157 19.68 10.32 -31.41
CA ALA D 157 20.03 11.51 -30.64
C ALA D 157 20.42 12.66 -31.58
N LEU D 158 21.39 12.39 -32.46
CA LEU D 158 21.93 13.40 -33.36
C LEU D 158 20.93 13.84 -34.43
N TYR D 159 20.13 12.90 -34.93
CA TYR D 159 19.13 13.20 -35.94
C TYR D 159 17.99 14.06 -35.37
N THR D 160 17.51 13.70 -34.18
CA THR D 160 16.47 14.51 -33.51
C THR D 160 16.96 15.93 -33.15
N ALA D 161 18.23 16.06 -32.79
CA ALA D 161 18.84 17.36 -32.53
C ALA D 161 18.84 18.22 -33.79
N LEU D 162 19.14 17.59 -34.92
CA LEU D 162 19.16 18.27 -36.21
C LEU D 162 17.76 18.72 -36.63
N VAL D 163 16.79 17.84 -36.43
CA VAL D 163 15.38 18.10 -36.69
C VAL D 163 14.90 19.35 -35.92
N LEU D 164 15.30 19.44 -34.65
CA LEU D 164 14.95 20.59 -33.79
C LEU D 164 15.67 21.89 -34.18
N ILE D 165 16.98 21.82 -34.40
CA ILE D 165 17.73 23.02 -34.78
C ILE D 165 17.67 23.20 -36.30
N ASN D 166 16.54 23.74 -36.75
CA ASN D 166 16.27 23.93 -38.17
C ASN D 166 16.22 25.41 -38.48
N ALA D 167 17.18 25.88 -39.27
CA ALA D 167 17.32 27.30 -39.60
C ALA D 167 16.28 27.82 -40.59
N HIS D 168 15.48 26.93 -41.17
CA HIS D 168 14.45 27.28 -42.15
C HIS D 168 13.12 27.75 -41.55
N ARG D 169 12.95 27.60 -40.23
CA ARG D 169 11.72 28.00 -39.56
C ARG D 169 11.48 29.50 -39.69
N PRO D 170 10.29 29.92 -40.15
CA PRO D 170 9.99 31.35 -40.17
C PRO D 170 9.93 31.93 -38.76
N GLY D 171 10.32 33.19 -38.60
CA GLY D 171 10.21 33.88 -37.33
C GLY D 171 11.47 33.89 -36.46
N LEU D 172 12.55 33.29 -36.96
CA LEU D 172 13.81 33.27 -36.23
C LEU D 172 14.45 34.66 -36.20
N GLN D 173 15.07 34.98 -35.08
CA GLN D 173 15.69 36.28 -34.85
C GLN D 173 17.20 36.22 -35.09
N GLU D 174 17.88 35.25 -34.50
CA GLU D 174 19.31 35.09 -34.69
C GLU D 174 19.58 33.96 -35.68
N LYS D 175 19.11 34.14 -36.91
CA LYS D 175 19.17 33.08 -37.93
C LYS D 175 20.59 32.57 -38.19
N ARG D 176 21.55 33.49 -38.20
CA ARG D 176 22.97 33.18 -38.42
C ARG D 176 23.50 32.23 -37.34
N LYS D 177 23.10 32.48 -36.09
CA LYS D 177 23.48 31.64 -34.96
C LYS D 177 22.79 30.27 -35.00
N VAL D 178 21.55 30.25 -35.48
CA VAL D 178 20.81 29.00 -35.66
C VAL D 178 21.44 28.18 -36.79
N GLU D 179 21.75 28.85 -37.89
CA GLU D 179 22.45 28.23 -39.02
C GLU D 179 23.77 27.60 -38.59
N GLN D 180 24.49 28.30 -37.72
CA GLN D 180 25.79 27.85 -37.22
C GLN D 180 25.69 26.58 -36.37
N LEU D 181 24.69 26.53 -35.50
CA LEU D 181 24.45 25.35 -34.68
C LEU D 181 23.97 24.18 -35.54
N GLN D 182 23.09 24.48 -36.51
CA GLN D 182 22.58 23.49 -37.46
C GLN D 182 23.69 22.84 -38.28
N TYR D 183 24.59 23.67 -38.80
CA TYR D 183 25.72 23.17 -39.58
C TYR D 183 26.68 22.32 -38.72
N ASN D 184 26.93 22.75 -37.49
CA ASN D 184 27.77 22.00 -36.55
C ASN D 184 27.18 20.64 -36.19
N LEU D 185 25.86 20.59 -36.06
CA LEU D 185 25.15 19.35 -35.80
C LEU D 185 25.20 18.42 -37.02
N GLU D 186 25.16 19.00 -38.23
CA GLU D 186 25.36 18.22 -39.45
C GLU D 186 26.76 17.59 -39.51
N LEU D 187 27.77 18.36 -39.12
CA LEU D 187 29.15 17.86 -39.02
C LEU D 187 29.27 16.79 -37.94
N ALA D 188 28.59 17.01 -36.81
CA ALA D 188 28.54 16.03 -35.71
C ALA D 188 27.92 14.74 -36.18
N PHE D 189 26.84 14.84 -36.96
CA PHE D 189 26.15 13.67 -37.48
C PHE D 189 27.06 12.93 -38.47
N HIS D 190 27.65 13.68 -39.39
CA HIS D 190 28.64 13.19 -40.33
C HIS D 190 29.79 12.46 -39.63
N HIS D 191 30.44 13.15 -38.68
CA HIS D 191 31.55 12.56 -37.93
C HIS D 191 31.18 11.23 -37.28
N HIS D 192 30.11 11.23 -36.48
CA HIS D 192 29.68 10.01 -35.79
C HIS D 192 29.35 8.86 -36.73
N LEU D 193 28.66 9.15 -37.83
CA LEU D 193 28.31 8.13 -38.82
C LEU D 193 29.56 7.54 -39.50
N SER D 194 30.59 8.36 -39.67
CA SER D 194 31.85 7.92 -40.29
C SER D 194 32.62 6.90 -39.43
N LYS D 195 32.31 6.85 -38.13
CA LYS D 195 32.91 5.89 -37.21
C LYS D 195 32.58 4.45 -37.58
N THR D 196 31.41 4.24 -38.18
CA THR D 196 30.98 2.92 -38.65
C THR D 196 30.82 2.87 -40.17
N HIS D 197 31.39 3.88 -40.85
CA HIS D 197 31.38 4.01 -42.31
C HIS D 197 29.99 4.14 -42.94
N ARG D 198 29.08 4.75 -42.19
CA ARG D 198 27.69 4.87 -42.64
C ARG D 198 27.27 6.31 -42.94
N GLN D 199 28.23 7.17 -43.28
CA GLN D 199 27.95 8.56 -43.66
C GLN D 199 26.93 8.66 -44.80
N SER D 200 26.86 7.60 -45.60
CA SER D 200 26.04 7.56 -46.80
C SER D 200 24.53 7.54 -46.52
N ILE D 201 24.16 7.11 -45.32
CA ILE D 201 22.74 7.08 -44.94
C ILE D 201 22.14 8.48 -44.77
N LEU D 202 23.00 9.49 -44.72
CA LEU D 202 22.60 10.90 -44.68
C LEU D 202 21.91 11.35 -45.98
N ALA D 203 22.31 10.75 -47.09
CA ALA D 203 21.67 10.98 -48.38
C ALA D 203 20.29 10.32 -48.42
N LYS D 204 20.09 9.34 -47.53
CA LYS D 204 18.86 8.55 -47.47
C LYS D 204 17.83 9.11 -46.48
N LEU D 205 18.19 10.18 -45.77
CA LEU D 205 17.25 10.86 -44.87
C LEU D 205 16.10 11.49 -45.66
N PRO D 206 14.85 11.33 -45.16
CA PRO D 206 13.71 11.95 -45.84
C PRO D 206 13.86 13.47 -45.89
N PRO D 207 13.46 14.11 -47.00
CA PRO D 207 13.61 15.56 -47.11
C PRO D 207 12.83 16.29 -46.02
N LYS D 208 13.31 17.47 -45.62
CA LYS D 208 12.63 18.29 -44.61
C LYS D 208 11.16 18.54 -44.96
N GLY D 209 10.87 18.52 -46.26
CA GLY D 209 9.51 18.66 -46.76
C GLY D 209 8.55 17.57 -46.31
N LYS D 210 9.06 16.36 -46.09
CA LYS D 210 8.24 15.25 -45.60
C LYS D 210 7.74 15.49 -44.17
N LEU D 211 8.62 15.94 -43.29
CA LEU D 211 8.25 16.26 -41.91
C LEU D 211 7.30 17.45 -41.80
N ARG D 212 7.58 18.53 -42.55
CA ARG D 212 6.71 19.70 -42.60
C ARG D 212 5.30 19.34 -43.03
N SER D 213 5.18 18.42 -43.99
CA SER D 213 3.90 18.02 -44.54
C SER D 213 3.08 17.25 -43.50
N LEU D 214 3.72 16.33 -42.79
CA LEU D 214 3.06 15.58 -41.72
C LEU D 214 2.48 16.52 -40.66
N CYS D 215 3.27 17.52 -40.26
CA CYS D 215 2.86 18.47 -39.23
C CYS D 215 1.75 19.41 -39.70
N SER D 216 1.78 19.80 -40.97
CA SER D 216 0.73 20.62 -41.57
C SER D 216 -0.59 19.84 -41.63
N GLN D 217 -0.51 18.57 -42.02
CA GLN D 217 -1.67 17.70 -42.09
C GLN D 217 -2.29 17.52 -40.72
N HIS D 218 -1.42 17.29 -39.72
CA HIS D 218 -1.84 17.13 -38.34
C HIS D 218 -2.66 18.33 -37.86
N VAL D 219 -2.10 19.53 -38.02
CA VAL D 219 -2.80 20.78 -37.68
C VAL D 219 -4.15 20.87 -38.40
N GLU D 220 -4.17 20.58 -39.69
CA GLU D 220 -5.42 20.60 -40.47
C GLU D 220 -6.47 19.64 -39.91
N ARG D 221 -6.07 18.42 -39.59
CA ARG D 221 -7.01 17.42 -39.07
C ARG D 221 -7.55 17.80 -37.69
N LEU D 222 -6.73 18.50 -36.89
CA LEU D 222 -7.19 19.00 -35.59
C LEU D 222 -8.20 20.13 -35.73
N GLN D 223 -8.00 20.99 -36.72
CA GLN D 223 -8.96 22.05 -37.03
C GLN D 223 -10.33 21.46 -37.34
N ILE D 224 -10.32 20.38 -38.12
CA ILE D 224 -11.54 19.67 -38.51
C ILE D 224 -12.21 19.03 -37.28
N PHE D 225 -11.42 18.29 -36.50
CA PHE D 225 -11.93 17.68 -35.28
C PHE D 225 -12.47 18.70 -34.26
N GLN D 226 -11.67 19.73 -33.96
CA GLN D 226 -12.03 20.74 -32.95
C GLN D 226 -13.27 21.55 -33.29
N HIS D 227 -13.45 21.90 -34.56
CA HIS D 227 -14.67 22.58 -34.97
C HIS D 227 -15.92 21.74 -34.70
N LEU D 228 -15.81 20.43 -34.92
CA LEU D 228 -16.90 19.47 -34.69
C LEU D 228 -17.13 19.13 -33.21
N HIS D 229 -16.09 19.29 -32.39
CA HIS D 229 -16.17 18.96 -30.95
C HIS D 229 -15.44 20.00 -30.10
N PRO D 230 -15.93 21.26 -30.10
CA PRO D 230 -15.19 22.34 -29.44
C PRO D 230 -15.19 22.26 -27.90
N ILE D 231 -16.21 21.64 -27.34
CA ILE D 231 -16.35 21.59 -25.87
C ILE D 231 -15.40 20.57 -25.25
N VAL D 232 -15.29 19.38 -25.84
CA VAL D 232 -14.39 18.34 -25.35
CA VAL D 232 -14.39 18.36 -25.31
C VAL D 232 -12.94 18.84 -25.35
N VAL D 233 -12.56 19.51 -26.44
CA VAL D 233 -11.21 20.08 -26.54
C VAL D 233 -10.97 21.13 -25.45
N GLN D 234 -11.93 22.01 -25.24
CA GLN D 234 -11.79 23.07 -24.23
C GLN D 234 -11.68 22.47 -22.82
N ALA D 235 -12.54 21.50 -22.52
CA ALA D 235 -12.64 20.94 -21.16
C ALA D 235 -11.62 19.86 -20.84
N ALA D 236 -11.19 19.09 -21.85
CA ALA D 236 -10.46 17.85 -21.59
C ALA D 236 -9.03 17.75 -22.16
N PHE D 237 -8.73 18.50 -23.23
CA PHE D 237 -7.42 18.39 -23.90
C PHE D 237 -6.33 19.16 -23.15
N PRO D 238 -5.07 18.70 -23.23
CA PRO D 238 -4.00 19.42 -22.54
C PRO D 238 -3.85 20.83 -23.08
N PRO D 239 -3.69 21.82 -22.19
CA PRO D 239 -3.49 23.20 -22.62
C PRO D 239 -2.26 23.41 -23.52
N LEU D 240 -1.19 22.66 -23.29
CA LEU D 240 -0.01 22.75 -24.17
C LEU D 240 -0.33 22.29 -25.58
N TYR D 241 -1.13 21.24 -25.67
CA TYR D 241 -1.57 20.70 -26.97
C TYR D 241 -2.30 21.79 -27.77
N LYS D 242 -3.26 22.46 -27.12
CA LYS D 242 -3.98 23.57 -27.76
C LYS D 242 -3.05 24.68 -28.22
N GLU D 243 -2.15 25.11 -27.33
CA GLU D 243 -1.20 26.18 -27.64
C GLU D 243 -0.36 25.87 -28.89
N LEU D 244 0.13 24.65 -28.97
CA LEU D 244 0.98 24.23 -30.08
C LEU D 244 0.22 23.98 -31.39
N PHE D 245 -1.02 23.47 -31.29
CA PHE D 245 -1.68 22.89 -32.47
C PHE D 245 -2.98 23.54 -32.96
N SER D 246 -3.70 24.18 -32.05
CA SER D 246 -4.99 24.83 -32.38
C SER D 246 -4.80 26.05 -33.28
N THR E 7 10.38 11.01 18.16
CA THR E 7 9.97 9.65 17.70
C THR E 7 10.51 8.56 18.62
N LEU E 8 10.01 7.34 18.44
CA LEU E 8 10.42 6.21 19.25
C LEU E 8 11.85 5.77 18.94
N LEU E 9 12.22 5.79 17.66
CA LEU E 9 13.62 5.53 17.29
C LEU E 9 14.56 6.51 17.98
N GLN E 10 14.17 7.78 18.03
CA GLN E 10 14.95 8.82 18.74
C GLN E 10 15.14 8.44 20.20
N LEU E 11 14.05 8.01 20.83
CA LEU E 11 14.09 7.61 22.24
C LEU E 11 14.99 6.39 22.45
N LEU E 12 14.82 5.37 21.60
CA LEU E 12 15.63 4.15 21.70
C LEU E 12 17.13 4.40 21.47
N LEU E 13 17.45 5.47 20.74
CA LEU E 13 18.84 5.81 20.43
C LEU E 13 19.48 6.75 21.46
N GLY E 14 18.65 7.45 22.24
CA GLY E 14 19.11 8.35 23.31
C GLY E 14 19.22 9.82 22.95
N THR F 7 -10.98 6.34 24.44
CA THR F 7 -9.94 5.36 24.89
C THR F 7 -9.86 4.18 23.91
N LEU F 8 -8.88 3.31 24.11
CA LEU F 8 -8.74 2.12 23.26
C LEU F 8 -9.84 1.10 23.55
N LEU F 9 -10.28 1.04 24.81
CA LEU F 9 -11.44 0.22 25.16
C LEU F 9 -12.68 0.67 24.40
N GLN F 10 -12.94 1.97 24.37
CA GLN F 10 -14.05 2.53 23.61
C GLN F 10 -14.10 2.01 22.19
N LEU F 11 -12.96 2.10 21.50
CA LEU F 11 -12.84 1.72 20.10
C LEU F 11 -13.07 0.24 19.89
N LEU F 12 -12.50 -0.57 20.78
CA LEU F 12 -12.64 -2.03 20.71
C LEU F 12 -14.08 -2.49 20.94
N LEU F 13 -14.85 -1.67 21.65
CA LEU F 13 -16.27 -1.96 21.92
C LEU F 13 -17.17 -1.58 20.74
N GLY F 14 -16.66 -0.70 19.87
CA GLY F 14 -17.40 -0.30 18.66
C GLY F 14 -18.15 1.02 18.82
N THR G 7 -18.31 27.95 -16.15
CA THR G 7 -17.41 26.80 -15.88
C THR G 7 -17.46 25.75 -16.99
N LEU G 8 -16.52 24.81 -16.96
CA LEU G 8 -16.44 23.75 -17.96
C LEU G 8 -17.53 22.70 -17.75
N LEU G 9 -17.90 22.48 -16.49
CA LEU G 9 -19.02 21.61 -16.15
C LEU G 9 -20.32 22.16 -16.75
N GLN G 10 -20.52 23.46 -16.59
CA GLN G 10 -21.63 24.20 -17.17
C GLN G 10 -21.72 23.99 -18.68
N LEU G 11 -20.57 24.08 -19.35
CA LEU G 11 -20.49 23.87 -20.79
C LEU G 11 -20.75 22.43 -21.21
N LEU G 12 -20.22 21.49 -20.45
CA LEU G 12 -20.44 20.06 -20.71
C LEU G 12 -21.90 19.67 -20.48
N LEU G 13 -22.61 20.45 -19.66
CA LEU G 13 -24.03 20.22 -19.38
C LEU G 13 -24.96 20.83 -20.44
N GLY G 14 -24.37 21.60 -21.36
CA GLY G 14 -25.13 22.18 -22.48
C GLY G 14 -25.44 23.65 -22.30
N THR H 7 3.17 32.43 -22.16
CA THR H 7 2.64 31.17 -22.75
C THR H 7 3.13 29.97 -21.95
N LEU H 8 2.58 28.80 -22.27
CA LEU H 8 2.95 27.56 -21.61
C LEU H 8 4.35 27.12 -22.01
N LEU H 9 4.72 27.34 -23.27
CA LEU H 9 6.07 27.05 -23.73
C LEU H 9 7.10 27.90 -23.01
N GLN H 10 6.78 29.18 -22.81
CA GLN H 10 7.64 30.09 -22.04
C GLN H 10 7.84 29.57 -20.61
N LEU H 11 6.74 29.19 -19.96
CA LEU H 11 6.79 28.63 -18.61
C LEU H 11 7.67 27.39 -18.52
N LEU H 12 7.47 26.46 -19.46
CA LEU H 12 8.23 25.21 -19.47
C LEU H 12 9.73 25.43 -19.67
N LEU H 13 10.10 26.45 -20.45
CA LEU H 13 11.50 26.78 -20.71
C LEU H 13 12.12 27.70 -19.65
N GLY H 14 11.26 28.40 -18.91
CA GLY H 14 11.72 29.31 -17.85
C GLY H 14 11.86 30.76 -18.27
N HIS H 15 11.09 31.18 -19.28
CA HIS H 15 11.11 32.57 -19.73
C HIS H 15 10.16 33.41 -18.88
C3 98H I . 4.54 -8.69 10.39
O1 98H I . 4.41 -7.36 9.87
C41 98H I . 14.46 -14.57 16.45
C45 98H I . 14.35 -16.66 15.11
C49 98H I . 11.72 -15.27 14.64
C52 98H I . 10.54 -14.51 14.09
C58 98H I . 11.94 -13.04 10.77
C12 98H I . 5.91 -12.84 8.56
C15 98H I . 7.31 -13.52 8.74
C17 98H I . 7.98 -13.06 10.09
C19 98H I . 9.38 -13.60 10.57
C20 98H I . 9.38 -13.24 12.11
C21 98H I . 7.96 -13.71 12.52
C24 98H I . 7.05 -13.28 11.33
C27 98H I . 10.64 -13.83 12.78
C28 98H I . 11.83 -13.73 12.13
C29 98H I . 13.16 -14.28 12.71
C30 98H I . 13.04 -14.52 14.27
C6 98H I . 4.58 -9.71 9.29
C7 98H I . 5.71 -10.38 8.99
C9 98H I . 5.91 -11.42 7.92
C32 98H I . 14.32 -15.11 14.99
C33 98H I . 15.57 -14.65 14.22
C34 98H I . 15.53 -13.32 13.51
C37 98H I . 14.35 -13.26 12.50
O40 98H I . 16.59 -15.31 14.18
O53 98H I . 9.53 -14.53 14.76
C54 98H I . 13.44 -15.57 11.85
C61 98H I . 10.63 -12.90 9.93
C64 98H I . 9.47 -11.73 12.55
C68 98H I . 9.49 -15.16 10.32
C72 98H I . 8.18 -13.28 7.45
C76 98H I . 3.26 -9.87 8.55
C3 98H J . 2.70 -8.76 32.33
O1 98H J . 2.20 -7.47 32.73
C41 98H J . -3.86 -18.34 26.62
C45 98H J . -2.92 -20.21 28.03
C49 98H J . -1.13 -17.83 28.45
C52 98H J . -0.41 -16.63 28.97
C58 98H J . -2.32 -15.79 32.26
C12 98H J . 3.01 -13.01 34.50
C15 98H J . 1.99 -14.18 34.31
C17 98H J . 1.24 -14.08 32.92
C19 98H J . 0.22 -15.18 32.47
C20 98H J . 0.11 -14.94 30.90
C21 98H J . 1.61 -14.78 30.53
C24 98H J . 2.25 -14.00 31.71
C27 98H J . -0.78 -16.01 30.27
C28 98H J . -1.92 -16.41 30.91
C29 98H J . -2.88 -17.49 30.37
C30 98H J . -2.64 -17.71 28.82
C6 98H J . 3.06 -9.63 33.51
C7 98H J . 2.27 -10.67 33.86
C9 98H J . 2.47 -11.64 35.02
C32 98H J . -3.55 -18.78 28.09
C33 98H J . -4.88 -18.80 28.83
C34 98H J . -5.39 -17.55 29.47
C37 98H J . -4.37 -17.03 30.52
O40 98H J . -5.55 -19.82 28.91
O53 98H J . 0.50 -16.21 28.26
C54 98H J . -2.59 -18.72 31.29
C61 98H J . -1.22 -15.03 33.07
C64 98H J . -0.60 -13.64 30.35
C68 98H J . 0.76 -16.62 32.82
C72 98H J . 1.01 -14.31 35.52
C76 98H J . 4.33 -9.22 34.25
C3 98H K . -5.64 11.27 -10.27
O1 98H K . -5.66 12.54 -9.60
C41 98H K . -12.40 2.89 -17.47
C45 98H K . -11.57 0.80 -16.35
C49 98H K . -9.65 3.04 -15.59
C52 98H K . -8.84 4.08 -14.86
C58 98H K . -10.78 4.56 -11.54
C12 98H K . -5.33 6.71 -8.96
C15 98H K . -6.38 5.59 -9.27
C17 98H K . -7.15 5.93 -10.61
C19 98H K . -8.19 4.95 -11.24
C20 98H K . -8.34 5.49 -12.71
C21 98H K . -6.84 5.70 -13.10
C24 98H K . -6.17 6.25 -11.80
C27 98H K . -9.23 4.54 -13.51
C28 98H K . -10.38 4.09 -12.94
C29 98H K . -11.38 3.13 -13.63
C30 98H K . -11.15 3.14 -15.20
C6 98H K . -5.26 10.17 -9.31
C7 98H K . -6.07 9.12 -9.10
C9 98H K . -5.85 7.96 -8.17
C32 98H K . -12.11 2.24 -16.07
C33 98H K . -13.45 2.15 -15.34
C34 98H K . -13.90 3.32 -14.53
C37 98H K . -12.88 3.54 -13.37
O40 98H K . -14.16 1.16 -15.39
O53 98H K . -7.85 4.51 -15.45
C54 98H K . -11.12 1.75 -12.93
C61 98H K . -9.61 4.98 -10.58
C64 98H K . -9.02 6.90 -12.97
C68 98H K . -7.64 3.47 -11.21
C72 98H K . -7.31 5.32 -8.05
C76 98H K . -3.93 10.38 -8.61
C3 98H L . -3.20 13.65 -31.76
O1 98H L . -3.49 15.00 -32.20
C41 98H L . 6.07 6.50 -25.76
C45 98H L . 5.99 4.50 -27.25
C49 98H L . 3.44 6.16 -27.74
C52 98H L . 2.36 7.01 -28.35
C58 98H L . 4.04 8.64 -31.45
C12 98H L . -1.86 9.64 -33.87
C15 98H L . -0.54 8.79 -33.68
C17 98H L . 0.13 9.09 -32.28
C19 98H L . 1.45 8.37 -31.80
C20 98H L . 1.44 8.58 -30.23
C21 98H L . -0.05 8.20 -29.93
C24 98H L . -0.86 8.83 -31.08
C27 98H L . 2.58 7.79 -29.58
C28 98H L . 3.81 7.82 -30.16
C29 98H L . 5.04 7.05 -29.58
C30 98H L . 4.84 6.78 -28.04
C6 98H L . -3.07 12.71 -32.94
C7 98H L . -1.92 12.07 -33.19
C9 98H L . -1.67 11.10 -34.34
C32 98H L . 6.02 6.06 -27.26
C33 98H L . 7.33 6.51 -27.91
C34 98H L . 7.37 7.85 -28.58
C37 98H L . 6.38 7.85 -29.78
O40 98H L . 8.35 5.82 -27.90
O53 98H L . 1.28 7.01 -27.78
C54 98H L . 5.10 5.76 -30.48
C61 98H L . 2.79 9.01 -32.31
C64 98H L . 1.64 10.01 -29.60
C68 98H L . 1.41 6.85 -32.21
C72 98H L . 0.40 9.00 -34.91
C76 98H L . -4.34 12.57 -33.77
#